data_9HMU
#
_entry.id   9HMU
#
_cell.length_a   113.72
_cell.length_b   113.72
_cell.length_c   162.593
_cell.angle_alpha   90
_cell.angle_beta   90
_cell.angle_gamma   120
#
_symmetry.space_group_name_H-M   'P 32 2 1'
#
loop_
_entity.id
_entity.type
_entity.pdbx_description
1 polymer 'DUF4465 domain containing protein D5EK'
2 non-polymer CYANOCOBALAMIN
3 non-polymer 'CALCIUM ION'
4 water water
#
_entity_poly.entity_id   1
_entity_poly.type   'polypeptide(L)'
_entity_poly.pdbx_seq_one_letter_code
;MGSSHHHHHHSSGLVPRGSHMASSLSAAISFEGLGFASGDYEKGANLSGVETTENRFGSDVTVRRSTFSHGGANFDNEYV
VEWGSWSGWGYSRDTDTVPNTYLNQMSAMPGIGAQGTTNYGIGYLSGWTTYSIDYASAFDFSGLGMFVTNTVYAYDSMLN
GDGFVTAFTTGDYLKVTIEGFNSSISTGSLDFYLADYRSAIAAEHYILDAWTFLDLDTLGAVDELQFTLESSQSGVPSYL
ALDQVGVVPE
;
_entity_poly.pdbx_strand_id   A,B,C
#
loop_
_chem_comp.id
_chem_comp.type
_chem_comp.name
_chem_comp.formula
CA non-polymer 'CALCIUM ION' 'Ca 2'
CNC non-polymer CYANOCOBALAMIN 'C63 H89 Co N14 O14 P 2'
#
# COMPACT_ATOMS: atom_id res chain seq x y z
N ALA A 27 -30.93 9.60 10.63
CA ALA A 27 -29.54 10.10 10.81
C ALA A 27 -28.66 9.57 9.68
N ALA A 28 -28.63 8.24 9.54
CA ALA A 28 -27.82 7.55 8.55
C ALA A 28 -28.29 7.88 7.13
N ILE A 29 -27.40 7.91 6.15
CA ILE A 29 -27.81 8.05 4.76
C ILE A 29 -28.28 6.68 4.26
N SER A 30 -29.60 6.50 4.20
CA SER A 30 -30.22 5.25 3.78
C SER A 30 -30.60 5.26 2.30
N PHE A 31 -30.68 6.45 1.69
CA PHE A 31 -31.18 6.67 0.34
C PHE A 31 -32.69 6.43 0.23
N GLU A 32 -33.41 6.19 1.35
CA GLU A 32 -34.83 5.87 1.28
C GLU A 32 -35.64 7.13 0.98
N GLY A 33 -36.75 6.97 0.26
CA GLY A 33 -37.56 8.13 -0.15
C GLY A 33 -36.85 9.14 -1.06
N LEU A 34 -35.78 8.73 -1.77
CA LEU A 34 -35.43 9.32 -3.05
C LEU A 34 -36.33 8.67 -4.11
N GLY A 35 -36.80 9.45 -5.07
CA GLY A 35 -37.78 9.00 -6.05
C GLY A 35 -37.13 8.52 -7.35
N PHE A 36 -37.87 7.69 -8.08
CA PHE A 36 -37.46 7.13 -9.36
C PHE A 36 -38.46 7.61 -10.41
N ALA A 37 -38.08 8.64 -11.17
CA ALA A 37 -38.92 9.15 -12.24
C ALA A 37 -39.12 8.13 -13.36
N SER A 38 -38.10 7.29 -13.60
CA SER A 38 -38.09 6.34 -14.69
C SER A 38 -37.35 5.08 -14.24
N GLY A 39 -38.03 3.91 -14.24
CA GLY A 39 -37.37 2.64 -13.96
C GLY A 39 -36.95 2.51 -12.50
N ASP A 40 -35.83 1.80 -12.26
CA ASP A 40 -35.43 1.39 -10.93
C ASP A 40 -34.11 2.03 -10.50
N TYR A 41 -33.68 3.09 -11.19
CA TYR A 41 -32.43 3.75 -10.83
C TYR A 41 -32.42 5.17 -11.36
N GLU A 42 -31.49 5.97 -10.81
CA GLU A 42 -31.28 7.35 -11.21
C GLU A 42 -29.79 7.55 -11.44
N LYS A 43 -29.40 7.72 -12.71
CA LYS A 43 -28.03 7.97 -13.12
C LYS A 43 -27.76 9.47 -13.33
N GLY A 44 -28.80 10.31 -13.26
CA GLY A 44 -28.70 11.74 -13.55
C GLY A 44 -29.54 12.23 -14.71
N ALA A 45 -30.08 11.31 -15.51
CA ALA A 45 -30.91 11.68 -16.65
C ALA A 45 -32.18 12.44 -16.26
N ASN A 46 -32.72 12.21 -15.06
CA ASN A 46 -33.93 12.87 -14.60
C ASN A 46 -33.66 13.82 -13.44
N LEU A 47 -32.40 14.06 -13.02
CA LEU A 47 -32.12 15.08 -12.03
C LEU A 47 -32.17 16.47 -12.66
N SER A 48 -32.60 17.46 -11.87
CA SER A 48 -32.62 18.86 -12.27
C SER A 48 -31.28 19.43 -11.90
N GLY A 49 -30.65 20.14 -12.84
CA GLY A 49 -29.39 20.81 -12.57
C GLY A 49 -29.10 21.89 -13.59
N VAL A 50 -27.81 22.23 -13.71
CA VAL A 50 -27.38 23.35 -14.52
C VAL A 50 -26.61 22.76 -15.70
N GLU A 51 -26.97 23.23 -16.90
CA GLU A 51 -26.40 22.72 -18.14
C GLU A 51 -25.47 23.76 -18.75
N THR A 52 -24.26 23.35 -19.15
CA THR A 52 -23.34 24.17 -19.93
C THR A 52 -22.80 23.35 -21.10
N THR A 53 -22.39 24.05 -22.17
CA THR A 53 -21.72 23.41 -23.30
C THR A 53 -20.24 23.30 -23.00
N GLU A 54 -19.65 22.11 -23.20
CA GLU A 54 -18.22 21.90 -23.10
C GLU A 54 -17.72 21.03 -24.24
N ASN A 55 -16.44 21.20 -24.61
CA ASN A 55 -15.79 20.36 -25.60
C ASN A 55 -15.16 19.19 -24.85
N ARG A 56 -15.56 17.95 -25.16
CA ARG A 56 -14.98 16.78 -24.51
C ARG A 56 -14.71 15.70 -25.55
N PHE A 57 -13.50 15.10 -25.49
CA PHE A 57 -13.02 14.13 -26.47
C PHE A 57 -13.36 14.55 -27.90
N GLY A 58 -13.19 15.85 -28.21
CA GLY A 58 -13.37 16.38 -29.56
C GLY A 58 -14.79 16.80 -29.94
N SER A 59 -15.79 16.67 -29.06
CA SER A 59 -17.18 17.04 -29.35
C SER A 59 -17.70 18.09 -28.36
N ASP A 60 -18.49 19.05 -28.85
CA ASP A 60 -19.25 19.95 -27.98
C ASP A 60 -20.48 19.21 -27.49
N VAL A 61 -20.65 19.12 -26.16
CA VAL A 61 -21.73 18.38 -25.54
C VAL A 61 -22.32 19.26 -24.43
N THR A 62 -23.52 18.88 -23.97
CA THR A 62 -24.26 19.56 -22.93
C THR A 62 -24.03 18.81 -21.63
N VAL A 63 -23.39 19.46 -20.65
CA VAL A 63 -23.03 18.86 -19.38
C VAL A 63 -24.00 19.41 -18.34
N ARG A 64 -24.76 18.50 -17.70
CA ARG A 64 -25.65 18.84 -16.61
C ARG A 64 -24.96 18.49 -15.28
N ARG A 65 -24.82 19.49 -14.40
CA ARG A 65 -24.33 19.31 -13.04
C ARG A 65 -25.50 19.47 -12.07
N SER A 66 -25.80 18.40 -11.34
CA SER A 66 -26.93 18.33 -10.43
C SER A 66 -26.42 17.86 -9.08
N THR A 67 -27.20 18.14 -8.03
CA THR A 67 -26.91 17.67 -6.69
C THR A 67 -28.21 17.10 -6.14
N PHE A 68 -28.20 15.88 -5.63
CA PHE A 68 -29.32 15.37 -4.85
C PHE A 68 -28.92 15.30 -3.38
N SER A 69 -29.94 15.32 -2.50
CA SER A 69 -29.75 15.39 -1.06
C SER A 69 -30.39 14.21 -0.33
N HIS A 70 -29.75 13.76 0.74
CA HIS A 70 -30.38 12.85 1.67
C HIS A 70 -30.03 13.31 3.08
N GLY A 71 -31.03 13.86 3.77
CA GLY A 71 -30.85 14.62 4.98
C GLY A 71 -29.86 15.76 4.78
N GLY A 72 -28.76 15.72 5.55
CA GLY A 72 -27.76 16.78 5.59
C GLY A 72 -26.68 16.58 4.53
N ALA A 73 -26.75 15.49 3.74
CA ALA A 73 -25.68 15.12 2.84
C ALA A 73 -26.08 15.43 1.40
N ASN A 74 -25.08 15.89 0.62
CA ASN A 74 -25.27 16.33 -0.76
C ASN A 74 -24.36 15.53 -1.68
N PHE A 75 -24.94 15.03 -2.78
CA PHE A 75 -24.27 14.15 -3.73
C PHE A 75 -24.30 14.80 -5.11
N ASP A 76 -23.12 15.11 -5.67
CA ASP A 76 -23.01 15.73 -6.99
C ASP A 76 -23.03 14.65 -8.07
N ASN A 77 -23.71 14.99 -9.18
CA ASN A 77 -23.89 14.13 -10.33
C ASN A 77 -23.59 14.98 -11.58
N GLU A 78 -22.94 14.35 -12.57
CA GLU A 78 -22.69 14.97 -13.85
C GLU A 78 -23.22 14.04 -14.95
N TYR A 79 -24.09 14.59 -15.80
CA TYR A 79 -24.77 13.84 -16.86
C TYR A 79 -24.52 14.58 -18.18
N VAL A 80 -24.02 13.83 -19.19
CA VAL A 80 -23.78 14.40 -20.50
C VAL A 80 -24.94 13.98 -21.39
N VAL A 81 -25.76 14.94 -21.80
CA VAL A 81 -27.06 14.68 -22.41
C VAL A 81 -26.91 13.85 -23.68
N GLU A 82 -26.02 14.28 -24.58
CA GLU A 82 -25.96 13.71 -25.91
C GLU A 82 -25.46 12.28 -25.91
N TRP A 83 -24.61 11.96 -24.91
CA TRP A 83 -24.06 10.62 -24.81
C TRP A 83 -24.84 9.70 -23.87
N GLY A 84 -25.67 10.28 -22.99
CA GLY A 84 -26.32 9.49 -21.96
C GLY A 84 -25.36 8.93 -20.91
N SER A 85 -24.14 9.50 -20.82
CA SER A 85 -23.12 9.04 -19.90
C SER A 85 -23.20 9.86 -18.61
N TRP A 86 -22.63 9.35 -17.52
CA TRP A 86 -22.67 10.06 -16.26
C TRP A 86 -21.44 9.77 -15.44
N SER A 87 -21.26 10.57 -14.38
CA SER A 87 -20.24 10.33 -13.39
C SER A 87 -20.64 10.99 -12.07
N GLY A 88 -19.93 10.59 -11.00
CA GLY A 88 -20.19 11.07 -9.65
C GLY A 88 -21.12 10.09 -8.94
N TRP A 89 -22.26 10.58 -8.42
CA TRP A 89 -23.16 9.77 -7.60
C TRP A 89 -24.54 9.64 -8.24
N GLY A 90 -25.12 8.45 -8.09
CA GLY A 90 -26.51 8.17 -8.38
C GLY A 90 -27.09 7.24 -7.30
N TYR A 91 -28.26 6.66 -7.58
CA TYR A 91 -28.94 5.82 -6.61
C TYR A 91 -29.87 4.86 -7.36
N SER A 92 -30.36 3.87 -6.61
CA SER A 92 -30.95 2.69 -7.19
C SER A 92 -31.83 1.97 -6.18
N ARG A 93 -32.83 1.25 -6.71
CA ARG A 93 -33.48 0.17 -5.99
C ARG A 93 -33.43 -1.13 -6.80
N ASP A 94 -32.50 -1.22 -7.76
CA ASP A 94 -32.57 -2.27 -8.76
C ASP A 94 -32.32 -3.66 -8.15
N THR A 95 -33.17 -4.62 -8.52
CA THR A 95 -33.07 -6.01 -8.10
C THR A 95 -32.51 -6.91 -9.22
N ASP A 96 -32.20 -6.36 -10.39
CA ASP A 96 -31.77 -7.15 -11.54
C ASP A 96 -30.29 -7.47 -11.39
N THR A 97 -29.95 -8.76 -11.19
CA THR A 97 -28.55 -9.13 -11.03
C THR A 97 -28.01 -9.88 -12.26
N VAL A 98 -28.65 -9.72 -13.44
CA VAL A 98 -28.20 -10.33 -14.67
C VAL A 98 -27.18 -9.40 -15.34
N PRO A 99 -25.88 -9.78 -15.47
CA PRO A 99 -24.92 -8.94 -16.17
C PRO A 99 -25.36 -8.58 -17.58
N ASN A 100 -25.27 -7.29 -17.93
CA ASN A 100 -25.57 -6.81 -19.27
C ASN A 100 -24.74 -5.54 -19.53
N THR A 101 -23.42 -5.66 -19.32
CA THR A 101 -22.45 -4.59 -19.31
C THR A 101 -23.08 -3.31 -18.75
N TYR A 102 -23.02 -2.18 -19.49
CA TYR A 102 -23.43 -0.89 -18.95
C TYR A 102 -24.95 -0.73 -19.02
N LEU A 103 -25.66 -1.67 -19.65
CA LEU A 103 -27.12 -1.63 -19.64
C LEU A 103 -27.68 -2.12 -18.29
N ASN A 104 -26.86 -2.76 -17.42
CA ASN A 104 -27.23 -3.05 -16.05
C ASN A 104 -26.10 -2.66 -15.10
N GLN A 105 -25.95 -1.33 -14.91
CA GLN A 105 -24.82 -0.73 -14.21
C GLN A 105 -25.17 -0.15 -12.83
N MET A 106 -26.45 -0.10 -12.45
CA MET A 106 -26.90 0.53 -11.23
C MET A 106 -27.34 -0.51 -10.20
N SER A 107 -27.07 -1.80 -10.44
CA SER A 107 -27.48 -2.85 -9.54
C SER A 107 -26.30 -3.26 -8.67
N ALA A 108 -26.52 -3.34 -7.34
CA ALA A 108 -25.55 -3.95 -6.44
C ALA A 108 -25.66 -5.47 -6.56
N MET A 109 -24.56 -6.20 -6.31
CA MET A 109 -24.54 -7.65 -6.42
C MET A 109 -25.66 -8.33 -5.63
N PRO A 110 -26.02 -7.90 -4.39
CA PRO A 110 -27.15 -8.51 -3.67
C PRO A 110 -28.53 -8.28 -4.27
N GLY A 111 -28.70 -7.31 -5.18
CA GLY A 111 -30.01 -7.04 -5.76
C GLY A 111 -31.01 -6.45 -4.76
N ILE A 112 -30.51 -5.71 -3.77
CA ILE A 112 -31.27 -5.11 -2.69
C ILE A 112 -30.29 -4.18 -1.99
N GLY A 113 -30.78 -3.24 -1.18
CA GLY A 113 -29.90 -2.43 -0.36
C GLY A 113 -29.39 -3.22 0.85
N ALA A 114 -28.55 -2.57 1.65
CA ALA A 114 -28.04 -3.13 2.89
C ALA A 114 -29.13 -3.11 3.97
N GLN A 115 -28.97 -4.03 4.93
CA GLN A 115 -29.85 -4.16 6.09
C GLN A 115 -31.31 -4.32 5.66
N GLY A 116 -31.54 -5.02 4.53
CA GLY A 116 -32.88 -5.26 4.04
C GLY A 116 -33.57 -4.03 3.43
N THR A 117 -32.87 -2.89 3.22
CA THR A 117 -33.52 -1.69 2.73
C THR A 117 -33.62 -1.73 1.20
N THR A 118 -34.56 -0.97 0.62
CA THR A 118 -34.86 -1.00 -0.80
C THR A 118 -33.82 -0.21 -1.61
N ASN A 119 -33.54 1.01 -1.20
CA ASN A 119 -32.72 1.95 -1.96
C ASN A 119 -31.25 1.91 -1.53
N TYR A 120 -30.36 2.24 -2.47
CA TYR A 120 -28.94 2.31 -2.21
C TYR A 120 -28.28 3.27 -3.20
N GLY A 121 -27.02 3.61 -2.89
CA GLY A 121 -26.23 4.51 -3.70
C GLY A 121 -25.33 3.74 -4.67
N ILE A 122 -24.96 4.43 -5.75
CA ILE A 122 -23.98 4.02 -6.72
C ILE A 122 -23.04 5.20 -6.96
N GLY A 123 -21.74 4.94 -6.96
CA GLY A 123 -20.75 5.89 -7.45
C GLY A 123 -20.11 5.40 -8.75
N TYR A 124 -20.09 6.23 -9.78
CA TYR A 124 -19.24 6.02 -10.94
C TYR A 124 -18.10 7.01 -10.78
N LEU A 125 -17.03 6.56 -10.13
CA LEU A 125 -15.92 7.42 -9.69
C LEU A 125 -14.88 7.43 -10.80
N SER A 126 -15.32 8.07 -11.89
CA SER A 126 -14.70 8.09 -13.19
C SER A 126 -13.25 8.54 -13.11
N GLY A 127 -12.38 7.85 -13.86
CA GLY A 127 -11.00 8.25 -14.02
C GLY A 127 -10.12 8.02 -12.78
N TRP A 128 -10.63 7.29 -11.78
CA TRP A 128 -9.85 6.91 -10.58
C TRP A 128 -9.42 8.14 -9.78
N THR A 129 -10.22 9.23 -9.84
CA THR A 129 -9.97 10.47 -9.09
C THR A 129 -10.94 10.52 -7.90
N THR A 130 -10.96 11.64 -7.16
CA THR A 130 -11.64 11.72 -5.88
C THR A 130 -13.00 12.40 -6.03
N TYR A 131 -14.01 11.85 -5.34
CA TYR A 131 -15.39 12.34 -5.32
C TYR A 131 -15.79 12.46 -3.86
N SER A 132 -16.72 13.35 -3.52
CA SER A 132 -17.06 13.60 -2.13
C SER A 132 -18.56 13.56 -1.85
N ILE A 133 -18.90 13.19 -0.61
CA ILE A 133 -20.21 13.42 -0.01
C ILE A 133 -20.03 14.65 0.87
N ASP A 134 -20.87 15.68 0.68
CA ASP A 134 -20.72 16.97 1.37
C ASP A 134 -21.85 17.11 2.38
N TYR A 135 -21.47 17.34 3.66
CA TYR A 135 -22.44 17.47 4.73
C TYR A 135 -22.63 18.95 5.03
N ALA A 136 -23.90 19.36 5.16
CA ALA A 136 -24.26 20.72 5.56
C ALA A 136 -23.76 21.01 6.97
N SER A 137 -23.74 19.98 7.81
CA SER A 137 -23.27 20.06 9.18
C SER A 137 -22.44 18.83 9.52
N ALA A 138 -21.47 18.98 10.42
CA ALA A 138 -20.56 17.89 10.77
C ALA A 138 -21.32 16.64 11.21
N PHE A 139 -20.99 15.49 10.64
CA PHE A 139 -21.52 14.20 11.08
C PHE A 139 -20.42 13.46 11.83
N ASP A 140 -20.76 12.93 13.02
CA ASP A 140 -19.82 12.20 13.85
C ASP A 140 -19.90 10.70 13.54
N PHE A 141 -18.83 10.15 12.93
CA PHE A 141 -18.73 8.73 12.64
C PHE A 141 -18.22 7.87 13.82
N SER A 142 -17.94 8.48 15.00
CA SER A 142 -17.53 7.72 16.16
C SER A 142 -18.51 6.57 16.40
N GLY A 143 -18.03 5.34 16.49
CA GLY A 143 -18.86 4.19 16.80
C GLY A 143 -19.67 3.70 15.60
N LEU A 144 -19.46 4.27 14.40
CA LEU A 144 -20.33 4.05 13.25
C LEU A 144 -19.51 3.61 12.05
N GLY A 145 -20.25 3.20 11.00
CA GLY A 145 -19.68 2.81 9.73
C GLY A 145 -20.71 2.90 8.60
N MET A 146 -20.39 2.21 7.51
CA MET A 146 -21.23 2.17 6.32
C MET A 146 -21.13 0.80 5.68
N PHE A 147 -21.99 0.52 4.68
CA PHE A 147 -21.92 -0.69 3.90
C PHE A 147 -21.47 -0.36 2.47
N VAL A 148 -20.65 -1.27 1.93
CA VAL A 148 -20.28 -1.23 0.51
C VAL A 148 -20.38 -2.64 -0.07
N THR A 149 -20.46 -2.70 -1.40
CA THR A 149 -20.29 -3.93 -2.16
C THR A 149 -19.99 -3.55 -3.61
N ASN A 150 -19.80 -4.58 -4.44
CA ASN A 150 -19.57 -4.35 -5.85
C ASN A 150 -20.91 -4.26 -6.59
N THR A 151 -20.89 -3.54 -7.71
CA THR A 151 -21.98 -3.62 -8.67
C THR A 151 -21.85 -4.93 -9.44
N VAL A 152 -22.96 -5.36 -10.01
CA VAL A 152 -23.02 -6.55 -10.84
C VAL A 152 -22.04 -6.39 -12.02
N TYR A 153 -22.08 -5.22 -12.68
CA TYR A 153 -21.25 -4.92 -13.83
C TYR A 153 -19.77 -5.07 -13.49
N ALA A 154 -19.33 -4.44 -12.41
CA ALA A 154 -17.93 -4.43 -12.02
C ALA A 154 -17.47 -5.82 -11.54
N TYR A 155 -18.29 -6.44 -10.69
CA TYR A 155 -18.04 -7.78 -10.20
C TYR A 155 -17.82 -8.73 -11.36
N ASP A 156 -18.76 -8.77 -12.31
CA ASP A 156 -18.68 -9.73 -13.41
C ASP A 156 -17.44 -9.48 -14.29
N SER A 157 -17.10 -8.19 -14.48
CA SER A 157 -15.95 -7.81 -15.26
C SER A 157 -14.66 -8.32 -14.61
N MET A 158 -14.47 -8.04 -13.31
CA MET A 158 -13.29 -8.52 -12.59
C MET A 158 -13.20 -10.05 -12.56
N LEU A 159 -14.31 -10.74 -12.31
CA LEU A 159 -14.31 -12.18 -12.15
C LEU A 159 -13.96 -12.87 -13.47
N ASN A 160 -14.63 -12.49 -14.56
CA ASN A 160 -14.66 -13.26 -15.79
C ASN A 160 -13.88 -12.61 -16.92
N GLY A 161 -13.46 -11.34 -16.78
CA GLY A 161 -12.82 -10.62 -17.85
C GLY A 161 -13.84 -10.10 -18.87
N ASP A 162 -13.39 -9.15 -19.70
CA ASP A 162 -14.18 -8.64 -20.82
C ASP A 162 -13.21 -8.06 -21.86
N GLY A 163 -13.73 -7.27 -22.79
CA GLY A 163 -12.89 -6.64 -23.81
C GLY A 163 -11.88 -5.63 -23.25
N PHE A 164 -12.12 -5.14 -22.03
CA PHE A 164 -11.24 -4.17 -21.36
C PHE A 164 -10.41 -4.75 -20.22
N VAL A 165 -10.78 -5.94 -19.70
CA VAL A 165 -10.25 -6.47 -18.44
C VAL A 165 -9.82 -7.92 -18.62
N THR A 166 -8.62 -8.26 -18.15
CA THR A 166 -8.17 -9.64 -17.98
C THR A 166 -8.78 -10.18 -16.71
N ALA A 167 -9.41 -11.38 -16.79
CA ALA A 167 -10.02 -11.98 -15.61
C ALA A 167 -9.02 -11.98 -14.44
N PHE A 168 -9.48 -11.57 -13.25
CA PHE A 168 -8.59 -11.36 -12.12
C PHE A 168 -7.79 -12.61 -11.76
N THR A 169 -6.48 -12.43 -11.55
CA THR A 169 -5.54 -13.43 -11.09
C THR A 169 -4.59 -12.76 -10.10
N THR A 170 -3.59 -13.52 -9.62
CA THR A 170 -2.61 -13.04 -8.66
C THR A 170 -2.09 -11.67 -9.08
N GLY A 171 -2.24 -10.69 -8.18
CA GLY A 171 -1.78 -9.33 -8.40
C GLY A 171 -2.93 -8.35 -8.59
N ASP A 172 -4.13 -8.83 -8.97
CA ASP A 172 -5.22 -7.92 -9.25
C ASP A 172 -5.88 -7.41 -7.97
N TYR A 173 -6.50 -6.23 -8.05
CA TYR A 173 -7.26 -5.66 -6.96
C TYR A 173 -8.19 -4.53 -7.44
N LEU A 174 -9.21 -4.26 -6.62
CA LEU A 174 -10.00 -3.04 -6.66
C LEU A 174 -10.17 -2.57 -5.21
N LYS A 175 -9.73 -1.35 -4.90
CA LYS A 175 -9.93 -0.82 -3.55
C LYS A 175 -10.56 0.56 -3.59
N VAL A 176 -11.07 0.96 -2.41
CA VAL A 176 -11.57 2.30 -2.19
C VAL A 176 -10.81 2.90 -0.99
N THR A 177 -10.36 4.14 -1.15
CA THR A 177 -9.85 4.95 -0.05
C THR A 177 -10.94 5.91 0.36
N ILE A 178 -11.28 5.89 1.66
CA ILE A 178 -12.27 6.76 2.28
C ILE A 178 -11.53 7.69 3.24
N GLU A 179 -11.65 9.00 3.01
CA GLU A 179 -10.93 9.99 3.82
C GLU A 179 -11.92 11.01 4.35
N GLY A 180 -11.87 11.24 5.66
CA GLY A 180 -12.69 12.25 6.31
C GLY A 180 -12.01 13.62 6.27
N PHE A 181 -12.81 14.69 6.11
CA PHE A 181 -12.35 16.05 6.23
C PHE A 181 -13.31 16.85 7.11
N ASN A 182 -12.74 17.84 7.79
CA ASN A 182 -13.47 18.77 8.61
C ASN A 182 -12.84 20.14 8.38
N SER A 183 -13.58 21.04 7.69
CA SER A 183 -13.07 22.34 7.27
C SER A 183 -11.79 22.17 6.48
N SER A 184 -11.79 21.23 5.54
CA SER A 184 -10.65 20.96 4.68
C SER A 184 -9.41 20.38 5.39
N ILE A 185 -9.46 20.03 6.69
CA ILE A 185 -8.38 19.30 7.35
C ILE A 185 -8.75 17.82 7.44
N SER A 186 -7.85 16.93 7.04
CA SER A 186 -8.08 15.49 7.06
C SER A 186 -8.27 15.01 8.50
N THR A 187 -9.29 14.16 8.74
CA THR A 187 -9.50 13.50 10.03
C THR A 187 -8.99 12.06 10.01
N GLY A 188 -8.49 11.58 8.86
CA GLY A 188 -7.97 10.24 8.74
C GLY A 188 -8.38 9.64 7.41
N SER A 189 -7.63 8.61 6.99
CA SER A 189 -7.79 7.98 5.69
C SER A 189 -7.79 6.47 5.89
N LEU A 190 -8.73 5.75 5.28
CA LEU A 190 -8.85 4.31 5.42
C LEU A 190 -8.95 3.66 4.04
N ASP A 191 -8.30 2.49 3.88
CA ASP A 191 -8.42 1.65 2.70
C ASP A 191 -9.25 0.41 2.99
N PHE A 192 -10.02 -0.01 2.00
CA PHE A 192 -10.84 -1.22 2.03
C PHE A 192 -10.86 -1.82 0.63
N TYR A 193 -10.60 -3.13 0.53
CA TYR A 193 -10.57 -3.82 -0.76
C TYR A 193 -11.95 -4.35 -1.12
N LEU A 194 -12.50 -3.87 -2.24
CA LEU A 194 -13.69 -4.47 -2.83
C LEU A 194 -13.38 -5.80 -3.51
N ALA A 195 -12.13 -5.94 -3.97
CA ALA A 195 -11.61 -7.17 -4.54
C ALA A 195 -10.12 -7.21 -4.27
N ASP A 196 -9.62 -8.32 -3.73
CA ASP A 196 -8.21 -8.42 -3.47
C ASP A 196 -7.69 -9.75 -3.97
N TYR A 197 -6.95 -9.73 -5.08
CA TYR A 197 -6.24 -10.91 -5.58
C TYR A 197 -4.73 -10.71 -5.50
N ARG A 198 -4.24 -9.77 -4.67
CA ARG A 198 -2.83 -9.44 -4.69
C ARG A 198 -1.97 -10.58 -4.20
N SER A 199 -2.51 -11.36 -3.25
CA SER A 199 -1.67 -12.29 -2.51
C SER A 199 -1.16 -13.42 -3.39
N ALA A 200 0.09 -13.83 -3.12
CA ALA A 200 0.66 -15.08 -3.60
C ALA A 200 -0.14 -16.28 -3.09
N ILE A 201 -0.82 -16.14 -1.93
CA ILE A 201 -1.64 -17.19 -1.35
C ILE A 201 -3.04 -17.05 -1.93
N ALA A 202 -3.46 -18.03 -2.77
CA ALA A 202 -4.76 -17.97 -3.46
C ALA A 202 -5.92 -17.89 -2.47
N ALA A 203 -5.79 -18.52 -1.30
CA ALA A 203 -6.81 -18.48 -0.25
C ALA A 203 -7.10 -17.07 0.25
N GLU A 204 -6.18 -16.10 0.11
CA GLU A 204 -6.44 -14.70 0.48
C GLU A 204 -7.26 -13.94 -0.57
N HIS A 205 -7.54 -14.51 -1.77
CA HIS A 205 -8.22 -13.80 -2.85
C HIS A 205 -9.72 -13.74 -2.59
N TYR A 206 -10.39 -12.61 -2.92
CA TYR A 206 -11.85 -12.51 -2.84
C TYR A 206 -12.33 -11.33 -3.69
N ILE A 207 -13.63 -11.39 -4.05
CA ILE A 207 -14.40 -10.27 -4.62
C ILE A 207 -15.71 -10.19 -3.84
N LEU A 208 -16.00 -9.01 -3.26
CA LEU A 208 -17.22 -8.83 -2.46
C LEU A 208 -18.46 -9.00 -3.33
N ASP A 209 -19.38 -9.87 -2.87
CA ASP A 209 -20.70 -10.02 -3.46
C ASP A 209 -21.82 -9.66 -2.49
N ALA A 210 -21.48 -9.34 -1.24
CA ALA A 210 -22.43 -9.03 -0.19
C ALA A 210 -22.15 -7.62 0.34
N TRP A 211 -23.20 -7.01 0.91
CA TRP A 211 -23.03 -5.75 1.62
C TRP A 211 -22.07 -5.97 2.79
N THR A 212 -20.99 -5.20 2.84
CA THR A 212 -19.91 -5.44 3.78
C THR A 212 -19.73 -4.18 4.63
N PHE A 213 -19.69 -4.34 5.96
CA PHE A 213 -19.57 -3.20 6.87
C PHE A 213 -18.13 -2.68 6.87
N LEU A 214 -17.98 -1.36 6.75
CA LEU A 214 -16.70 -0.65 6.79
C LEU A 214 -16.71 0.24 8.05
N ASP A 215 -15.74 0.03 8.94
CA ASP A 215 -15.69 0.74 10.20
C ASP A 215 -15.08 2.12 9.96
N LEU A 216 -15.85 3.19 10.24
CA LEU A 216 -15.40 4.55 10.03
C LEU A 216 -15.16 5.30 11.35
N ASP A 217 -15.09 4.56 12.48
CA ASP A 217 -14.95 5.17 13.78
C ASP A 217 -13.84 6.22 13.85
N THR A 218 -12.67 5.90 13.28
CA THR A 218 -11.47 6.72 13.45
C THR A 218 -11.58 8.05 12.70
N LEU A 219 -12.53 8.20 11.77
CA LEU A 219 -12.74 9.47 11.07
C LEU A 219 -13.36 10.55 11.98
N GLY A 220 -14.07 10.17 13.06
CA GLY A 220 -14.67 11.15 13.96
C GLY A 220 -15.66 12.07 13.25
N ALA A 221 -15.64 13.36 13.60
CA ALA A 221 -16.59 14.34 13.09
C ALA A 221 -16.09 14.92 11.77
N VAL A 222 -16.87 14.74 10.69
CA VAL A 222 -16.48 15.19 9.36
C VAL A 222 -17.60 16.05 8.77
N ASP A 223 -17.25 17.01 7.89
CA ASP A 223 -18.23 17.66 7.03
C ASP A 223 -18.09 17.19 5.58
N GLU A 224 -17.13 16.27 5.31
CA GLU A 224 -16.89 15.76 3.95
C GLU A 224 -16.25 14.36 4.04
N LEU A 225 -16.77 13.42 3.25
CA LEU A 225 -16.15 12.11 3.04
C LEU A 225 -15.68 12.06 1.60
N GLN A 226 -14.38 11.83 1.38
CA GLN A 226 -13.84 11.62 0.04
C GLN A 226 -13.67 10.13 -0.26
N PHE A 227 -14.04 9.75 -1.50
CA PHE A 227 -13.91 8.40 -2.02
C PHE A 227 -13.07 8.41 -3.29
N THR A 228 -12.07 7.51 -3.35
CA THR A 228 -11.22 7.31 -4.51
C THR A 228 -11.07 5.81 -4.75
N LEU A 229 -11.37 5.35 -5.96
CA LEU A 229 -11.09 3.98 -6.34
C LEU A 229 -9.67 3.86 -6.89
N GLU A 230 -9.06 2.68 -6.72
CA GLU A 230 -7.84 2.30 -7.41
C GLU A 230 -7.93 0.83 -7.81
N SER A 231 -7.38 0.49 -8.99
CA SER A 231 -7.42 -0.87 -9.52
C SER A 231 -6.07 -1.26 -10.10
N SER A 232 -5.77 -2.56 -10.08
CA SER A 232 -4.68 -3.13 -10.86
C SER A 232 -4.86 -2.89 -12.37
N GLN A 233 -6.11 -2.69 -12.84
CA GLN A 233 -6.37 -2.56 -14.26
C GLN A 233 -7.32 -1.39 -14.48
N SER A 234 -6.91 -0.45 -15.35
CA SER A 234 -7.67 0.75 -15.59
C SER A 234 -8.98 0.45 -16.36
N GLY A 235 -9.12 -0.73 -16.98
CA GLY A 235 -10.33 -1.16 -17.65
C GLY A 235 -11.45 -1.62 -16.70
N VAL A 236 -11.16 -1.86 -15.42
CA VAL A 236 -12.16 -2.30 -14.47
C VAL A 236 -13.24 -1.21 -14.34
N PRO A 237 -14.56 -1.53 -14.45
CA PRO A 237 -15.59 -0.51 -14.31
C PRO A 237 -15.45 0.20 -12.95
N SER A 238 -15.22 1.53 -12.99
CA SER A 238 -14.84 2.28 -11.81
C SER A 238 -16.09 2.68 -11.01
N TYR A 239 -16.74 1.64 -10.43
CA TYR A 239 -17.95 1.79 -9.67
C TYR A 239 -17.80 1.16 -8.29
N LEU A 240 -18.57 1.71 -7.34
CA LEU A 240 -18.94 0.99 -6.13
C LEU A 240 -20.40 1.25 -5.79
N ALA A 241 -20.96 0.31 -5.02
CA ALA A 241 -22.24 0.43 -4.38
C ALA A 241 -22.01 0.74 -2.89
N LEU A 242 -22.82 1.64 -2.35
CA LEU A 242 -22.72 2.12 -0.97
C LEU A 242 -24.12 2.29 -0.40
N ASP A 243 -24.25 2.10 0.90
CA ASP A 243 -25.54 2.20 1.56
C ASP A 243 -25.35 2.35 3.08
N GLN A 244 -26.41 2.85 3.73
CA GLN A 244 -26.54 2.88 5.18
C GLN A 244 -25.31 3.55 5.78
N VAL A 245 -25.06 4.79 5.34
CA VAL A 245 -23.85 5.52 5.69
C VAL A 245 -24.05 6.18 7.05
N GLY A 246 -23.40 5.61 8.07
CA GLY A 246 -23.43 6.12 9.43
C GLY A 246 -24.35 5.29 10.34
N VAL A 247 -24.14 3.96 10.39
CA VAL A 247 -24.93 3.08 11.24
C VAL A 247 -24.00 2.32 12.16
N VAL A 248 -24.55 1.76 13.24
CA VAL A 248 -23.79 1.00 14.22
C VAL A 248 -23.43 -0.35 13.61
N PRO A 249 -22.33 -1.01 14.04
CA PRO A 249 -22.07 -2.38 13.59
C PRO A 249 -23.10 -3.36 14.15
N GLU A 250 -23.50 -4.34 13.33
CA GLU A 250 -24.54 -5.31 13.68
C GLU A 250 -23.88 -6.63 14.14
N ALA B 28 -2.18 1.86 27.18
CA ALA B 28 -2.04 0.39 26.98
C ALA B 28 -2.19 0.09 25.49
N ILE B 29 -1.37 -0.80 24.94
CA ILE B 29 -1.49 -1.16 23.54
C ILE B 29 -2.58 -2.22 23.44
N SER B 30 -3.77 -1.80 23.00
CA SER B 30 -4.91 -2.68 22.82
C SER B 30 -5.03 -3.22 21.39
N PHE B 31 -4.37 -2.57 20.42
CA PHE B 31 -4.51 -2.84 18.99
C PHE B 31 -5.87 -2.39 18.43
N GLU B 32 -6.73 -1.71 19.22
CA GLU B 32 -8.07 -1.35 18.75
C GLU B 32 -7.98 -0.15 17.82
N GLY B 33 -8.89 -0.07 16.86
CA GLY B 33 -8.83 0.98 15.85
C GLY B 33 -7.57 1.02 14.96
N LEU B 34 -6.80 -0.08 14.87
CA LEU B 34 -6.03 -0.36 13.68
C LEU B 34 -6.98 -0.94 12.65
N GLY B 35 -6.82 -0.57 11.38
CA GLY B 35 -7.77 -0.92 10.32
C GLY B 35 -7.39 -2.23 9.62
N PHE B 36 -8.41 -2.91 9.08
CA PHE B 36 -8.27 -4.11 8.28
C PHE B 36 -8.74 -3.80 6.86
N ALA B 37 -7.78 -3.52 5.97
CA ALA B 37 -8.13 -3.20 4.59
C ALA B 37 -8.64 -4.44 3.85
N SER B 38 -8.19 -5.63 4.26
CA SER B 38 -8.44 -6.87 3.55
C SER B 38 -8.50 -8.07 4.50
N GLY B 39 -9.67 -8.65 4.72
CA GLY B 39 -9.83 -9.80 5.59
C GLY B 39 -9.74 -9.44 7.07
N ASP B 40 -9.36 -10.43 7.91
CA ASP B 40 -9.46 -10.33 9.35
C ASP B 40 -8.11 -10.24 10.04
N TYR B 41 -7.06 -9.90 9.28
CA TYR B 41 -5.72 -9.78 9.83
C TYR B 41 -4.87 -8.93 8.90
N GLU B 42 -3.73 -8.51 9.44
CA GLU B 42 -2.79 -7.65 8.73
C GLU B 42 -1.38 -8.23 8.91
N LYS B 43 -0.83 -8.75 7.80
CA LYS B 43 0.51 -9.34 7.76
C LYS B 43 1.52 -8.37 7.17
N GLY B 44 1.07 -7.23 6.66
CA GLY B 44 1.96 -6.28 6.03
C GLY B 44 1.60 -5.91 4.58
N ALA B 45 0.66 -6.61 3.95
CA ALA B 45 0.26 -6.29 2.58
C ALA B 45 -0.35 -4.88 2.42
N ASN B 46 -0.93 -4.30 3.48
CA ASN B 46 -1.53 -2.96 3.41
C ASN B 46 -0.76 -1.91 4.20
N LEU B 47 0.43 -2.20 4.72
CA LEU B 47 1.17 -1.18 5.45
C LEU B 47 1.96 -0.30 4.49
N SER B 48 2.15 0.96 4.86
CA SER B 48 3.00 1.89 4.13
C SER B 48 4.43 1.71 4.62
N GLY B 49 5.36 1.55 3.66
CA GLY B 49 6.76 1.36 4.03
C GLY B 49 7.69 1.63 2.85
N VAL B 50 8.87 1.01 2.88
CA VAL B 50 9.82 1.09 1.79
C VAL B 50 10.05 -0.32 1.23
N GLU B 51 10.24 -0.38 -0.11
CA GLU B 51 10.38 -1.63 -0.82
C GLU B 51 11.79 -1.77 -1.36
N THR B 52 12.40 -2.97 -1.23
CA THR B 52 13.70 -3.27 -1.83
C THR B 52 13.63 -4.59 -2.58
N THR B 53 14.27 -4.70 -3.75
CA THR B 53 14.49 -5.99 -4.38
C THR B 53 15.72 -6.65 -3.74
N GLU B 54 15.55 -7.90 -3.29
CA GLU B 54 16.63 -8.66 -2.67
C GLU B 54 16.58 -10.08 -3.21
N ASN B 55 17.76 -10.72 -3.27
CA ASN B 55 17.87 -12.13 -3.61
C ASN B 55 17.77 -12.91 -2.32
N ARG B 56 16.76 -13.77 -2.18
CA ARG B 56 16.56 -14.56 -0.96
C ARG B 56 16.23 -15.99 -1.36
N PHE B 57 16.96 -16.96 -0.76
CA PHE B 57 16.81 -18.37 -1.07
C PHE B 57 16.82 -18.61 -2.57
N GLY B 58 17.66 -17.89 -3.32
CA GLY B 58 17.86 -18.09 -4.74
C GLY B 58 16.91 -17.30 -5.65
N SER B 59 15.93 -16.53 -5.10
CA SER B 59 14.97 -15.76 -5.90
C SER B 59 15.05 -14.26 -5.60
N ASP B 60 14.86 -13.45 -6.64
CA ASP B 60 14.72 -12.02 -6.49
C ASP B 60 13.28 -11.72 -6.08
N VAL B 61 13.09 -11.06 -4.94
CA VAL B 61 11.77 -10.78 -4.38
C VAL B 61 11.74 -9.33 -3.91
N THR B 62 10.52 -8.81 -3.71
CA THR B 62 10.27 -7.44 -3.31
C THR B 62 9.96 -7.47 -1.82
N VAL B 63 10.82 -6.88 -1.01
CA VAL B 63 10.72 -6.89 0.44
C VAL B 63 10.21 -5.52 0.88
N ARG B 64 9.05 -5.49 1.54
CA ARG B 64 8.45 -4.28 2.07
C ARG B 64 8.78 -4.22 3.57
N ARG B 65 9.39 -3.13 4.01
CA ARG B 65 9.70 -2.88 5.42
C ARG B 65 8.85 -1.70 5.87
N SER B 66 7.96 -1.98 6.83
CA SER B 66 6.97 -1.04 7.29
C SER B 66 6.96 -0.99 8.82
N THR B 67 6.35 0.05 9.36
CA THR B 67 6.12 0.18 10.78
C THR B 67 4.66 0.58 10.97
N PHE B 68 3.91 -0.13 11.80
CA PHE B 68 2.61 0.36 12.24
C PHE B 68 2.72 0.85 13.69
N SER B 69 1.80 1.74 14.07
CA SER B 69 1.86 2.44 15.35
C SER B 69 0.56 2.28 16.11
N HIS B 70 0.66 2.18 17.44
CA HIS B 70 -0.50 2.17 18.30
C HIS B 70 -0.14 2.98 19.55
N GLY B 71 -0.72 4.18 19.61
CA GLY B 71 -0.25 5.26 20.45
C GLY B 71 1.23 5.55 20.20
N GLY B 72 2.01 5.43 21.28
CA GLY B 72 3.41 5.77 21.28
C GLY B 72 4.31 4.59 20.91
N ALA B 73 3.70 3.42 20.62
CA ALA B 73 4.50 2.23 20.35
C ALA B 73 4.53 1.93 18.85
N ASN B 74 5.66 1.42 18.38
CA ASN B 74 5.96 1.24 16.95
C ASN B 74 6.40 -0.21 16.72
N PHE B 75 5.75 -0.87 15.74
CA PHE B 75 5.91 -2.28 15.44
C PHE B 75 6.41 -2.45 13.99
N ASP B 76 7.61 -2.99 13.82
CA ASP B 76 8.22 -3.21 12.52
C ASP B 76 7.73 -4.53 11.91
N ASN B 77 7.52 -4.48 10.58
CA ASN B 77 6.94 -5.56 9.80
C ASN B 77 7.76 -5.67 8.51
N GLU B 78 7.99 -6.92 8.06
CA GLU B 78 8.59 -7.22 6.78
C GLU B 78 7.65 -8.16 6.02
N TYR B 79 7.29 -7.76 4.79
CA TYR B 79 6.34 -8.51 3.96
C TYR B 79 6.98 -8.73 2.59
N VAL B 80 6.99 -9.98 2.09
CA VAL B 80 7.57 -10.30 0.79
C VAL B 80 6.41 -10.47 -0.18
N VAL B 81 6.31 -9.56 -1.14
CA VAL B 81 5.14 -9.47 -2.01
C VAL B 81 4.91 -10.79 -2.78
N GLU B 82 5.96 -11.34 -3.40
CA GLU B 82 5.79 -12.43 -4.35
C GLU B 82 5.55 -13.75 -3.63
N TRP B 83 5.90 -13.88 -2.34
CA TRP B 83 5.62 -15.08 -1.59
C TRP B 83 4.41 -14.95 -0.66
N GLY B 84 4.03 -13.72 -0.30
CA GLY B 84 3.02 -13.49 0.71
C GLY B 84 3.46 -13.91 2.11
N SER B 85 4.77 -14.12 2.30
CA SER B 85 5.38 -14.43 3.58
C SER B 85 5.70 -13.14 4.34
N TRP B 86 5.83 -13.25 5.66
CA TRP B 86 6.07 -12.06 6.46
C TRP B 86 6.87 -12.42 7.69
N SER B 87 7.35 -11.38 8.37
CA SER B 87 7.97 -11.55 9.69
C SER B 87 7.93 -10.24 10.46
N GLY B 88 8.21 -10.37 11.77
CA GLY B 88 8.15 -9.28 12.74
C GLY B 88 6.75 -9.23 13.36
N TRP B 89 6.07 -8.07 13.26
CA TRP B 89 4.78 -7.86 13.93
C TRP B 89 3.67 -7.64 12.91
N GLY B 90 2.49 -8.22 13.19
CA GLY B 90 1.23 -7.93 12.55
C GLY B 90 0.11 -7.86 13.59
N TYR B 91 -1.14 -7.85 13.10
CA TYR B 91 -2.26 -7.76 14.00
C TYR B 91 -3.47 -8.45 13.38
N SER B 92 -4.52 -8.62 14.20
CA SER B 92 -5.57 -9.57 13.87
C SER B 92 -6.84 -9.26 14.67
N ARG B 93 -7.98 -9.61 14.06
CA ARG B 93 -9.22 -9.80 14.79
C ARG B 93 -9.80 -11.21 14.55
N ASP B 94 -8.95 -12.15 14.11
CA ASP B 94 -9.45 -13.41 13.55
C ASP B 94 -10.10 -14.26 14.65
N THR B 95 -11.28 -14.82 14.36
CA THR B 95 -12.01 -15.72 15.26
C THR B 95 -11.91 -17.19 14.82
N ASP B 96 -11.21 -17.49 13.72
CA ASP B 96 -11.20 -18.82 13.13
C ASP B 96 -10.21 -19.68 13.93
N THR B 97 -10.71 -20.70 14.65
CA THR B 97 -9.83 -21.55 15.45
C THR B 97 -9.68 -22.95 14.84
N VAL B 98 -10.00 -23.12 13.54
CA VAL B 98 -9.80 -24.39 12.84
C VAL B 98 -8.37 -24.44 12.31
N PRO B 99 -7.50 -25.34 12.79
CA PRO B 99 -6.13 -25.42 12.25
C PRO B 99 -6.12 -25.68 10.74
N ASN B 100 -5.24 -24.97 10.02
CA ASN B 100 -5.06 -25.19 8.58
C ASN B 100 -3.66 -24.67 8.20
N THR B 101 -2.64 -25.21 8.90
CA THR B 101 -1.24 -24.79 8.86
C THR B 101 -1.13 -23.26 8.64
N TYR B 102 -0.39 -22.83 7.60
CA TYR B 102 -0.07 -21.41 7.39
C TYR B 102 -1.28 -20.66 6.79
N LEU B 103 -2.34 -21.38 6.39
CA LEU B 103 -3.55 -20.71 5.91
C LEU B 103 -4.40 -20.17 7.07
N ASN B 104 -4.12 -20.55 8.33
CA ASN B 104 -4.77 -19.94 9.48
C ASN B 104 -3.71 -19.68 10.56
N GLN B 105 -2.90 -18.64 10.35
CA GLN B 105 -1.72 -18.33 11.15
C GLN B 105 -1.84 -17.07 12.01
N MET B 106 -2.91 -16.28 11.85
CA MET B 106 -3.06 -15.01 12.54
C MET B 106 -4.08 -15.08 13.67
N SER B 107 -4.60 -16.28 13.97
CA SER B 107 -5.62 -16.47 14.99
C SER B 107 -4.97 -16.88 16.30
N ALA B 108 -5.34 -16.22 17.40
CA ALA B 108 -5.00 -16.66 18.74
C ALA B 108 -5.91 -17.85 19.11
N MET B 109 -5.42 -18.75 19.97
CA MET B 109 -6.20 -19.92 20.39
C MET B 109 -7.60 -19.58 20.88
N PRO B 110 -7.81 -18.52 21.70
CA PRO B 110 -9.16 -18.13 22.11
C PRO B 110 -10.07 -17.65 21.00
N GLY B 111 -9.55 -17.26 19.82
CA GLY B 111 -10.37 -16.73 18.75
C GLY B 111 -11.00 -15.37 19.06
N ILE B 112 -10.31 -14.58 19.90
CA ILE B 112 -10.74 -13.28 20.36
C ILE B 112 -9.49 -12.65 20.99
N GLY B 113 -9.47 -11.32 21.16
CA GLY B 113 -8.40 -10.70 21.93
C GLY B 113 -8.56 -10.94 23.42
N ALA B 114 -7.60 -10.40 24.19
CA ALA B 114 -7.64 -10.45 25.65
C ALA B 114 -8.64 -9.45 26.19
N GLN B 115 -9.14 -9.75 27.41
CA GLN B 115 -10.04 -8.89 28.15
C GLN B 115 -11.29 -8.58 27.31
N GLY B 116 -11.74 -9.55 26.50
CA GLY B 116 -12.93 -9.38 25.67
C GLY B 116 -12.73 -8.43 24.47
N THR B 117 -11.50 -7.99 24.14
CA THR B 117 -11.30 -7.04 23.05
C THR B 117 -11.24 -7.77 21.71
N THR B 118 -11.53 -7.05 20.62
CA THR B 118 -11.63 -7.64 19.28
C THR B 118 -10.24 -7.88 18.69
N ASN B 119 -9.38 -6.87 18.74
CA ASN B 119 -8.12 -6.87 18.02
C ASN B 119 -6.98 -7.33 18.93
N TYR B 120 -5.94 -7.91 18.34
CA TYR B 120 -4.77 -8.38 19.06
C TYR B 120 -3.57 -8.42 18.12
N GLY B 121 -2.39 -8.58 18.70
CA GLY B 121 -1.13 -8.62 17.98
C GLY B 121 -0.71 -10.07 17.69
N ILE B 122 0.10 -10.22 16.63
CA ILE B 122 0.81 -11.45 16.30
C ILE B 122 2.27 -11.10 16.02
N GLY B 123 3.20 -11.88 16.61
CA GLY B 123 4.60 -11.83 16.23
C GLY B 123 5.00 -13.11 15.52
N TYR B 124 5.54 -12.98 14.29
CA TYR B 124 6.26 -14.08 13.66
C TYR B 124 7.75 -13.77 13.85
N LEU B 125 8.32 -14.30 14.94
CA LEU B 125 9.66 -13.90 15.40
C LEU B 125 10.64 -14.88 14.79
N SER B 126 10.75 -14.73 13.46
CA SER B 126 11.40 -15.62 12.54
C SER B 126 12.86 -15.86 12.93
N GLY B 127 13.26 -17.13 12.87
CA GLY B 127 14.67 -17.49 13.01
C GLY B 127 15.14 -17.47 14.46
N TRP B 128 14.22 -17.31 15.44
CA TRP B 128 14.54 -17.39 16.85
C TRP B 128 15.48 -16.25 17.28
N THR B 129 15.42 -15.11 16.56
CA THR B 129 16.21 -13.92 16.87
C THR B 129 15.33 -12.89 17.59
N THR B 130 15.86 -11.70 17.86
CA THR B 130 15.22 -10.71 18.72
C THR B 130 14.47 -9.67 17.88
N TYR B 131 13.27 -9.29 18.33
CA TYR B 131 12.42 -8.28 17.71
C TYR B 131 12.00 -7.32 18.81
N SER B 132 11.69 -6.05 18.45
CA SER B 132 11.40 -5.00 19.42
C SER B 132 10.04 -4.36 19.20
N ILE B 133 9.42 -3.93 20.30
CA ILE B 133 8.43 -2.86 20.31
C ILE B 133 9.19 -1.60 20.72
N ASP B 134 9.14 -0.55 19.88
CA ASP B 134 9.87 0.70 20.10
C ASP B 134 8.90 1.79 20.54
N TYR B 135 9.22 2.43 21.67
CA TYR B 135 8.39 3.51 22.22
C TYR B 135 9.01 4.85 21.87
N ALA B 136 8.15 5.78 21.42
CA ALA B 136 8.56 7.14 21.11
C ALA B 136 9.03 7.86 22.37
N SER B 137 8.45 7.54 23.53
CA SER B 137 9.05 7.91 24.81
C SER B 137 8.70 6.87 25.88
N ALA B 138 9.40 6.96 27.01
CA ALA B 138 9.45 5.89 28.00
C ALA B 138 8.05 5.52 28.49
N PHE B 139 7.73 4.24 28.50
CA PHE B 139 6.53 3.72 29.12
C PHE B 139 6.91 3.03 30.43
N ASP B 140 6.20 3.35 31.52
CA ASP B 140 6.48 2.77 32.83
C ASP B 140 5.62 1.53 33.05
N PHE B 141 6.26 0.35 33.08
CA PHE B 141 5.57 -0.91 33.35
C PHE B 141 5.38 -1.22 34.84
N SER B 142 5.82 -0.35 35.75
CA SER B 142 5.59 -0.55 37.17
C SER B 142 4.11 -0.85 37.41
N GLY B 143 3.82 -1.98 38.07
CA GLY B 143 2.46 -2.34 38.43
C GLY B 143 1.64 -2.87 37.25
N LEU B 144 2.28 -3.11 36.10
CA LEU B 144 1.58 -3.42 34.86
C LEU B 144 2.13 -4.70 34.26
N GLY B 145 1.41 -5.20 33.24
CA GLY B 145 1.82 -6.35 32.48
C GLY B 145 1.15 -6.38 31.12
N MET B 146 1.12 -7.57 30.53
CA MET B 146 0.56 -7.80 29.21
C MET B 146 -0.07 -9.19 29.18
N PHE B 147 -0.80 -9.50 28.10
CA PHE B 147 -1.32 -10.83 27.86
C PHE B 147 -0.63 -11.49 26.67
N VAL B 148 -0.40 -12.80 26.80
CA VAL B 148 0.10 -13.62 25.70
C VAL B 148 -0.69 -14.94 25.64
N THR B 149 -0.64 -15.59 24.48
CA THR B 149 -1.11 -16.95 24.30
C THR B 149 -0.49 -17.48 23.01
N ASN B 150 -0.80 -18.75 22.70
CA ASN B 150 -0.33 -19.36 21.48
C ASN B 150 -1.29 -19.05 20.33
N THR B 151 -0.74 -19.05 19.11
CA THR B 151 -1.58 -19.09 17.92
C THR B 151 -2.14 -20.50 17.77
N VAL B 152 -3.24 -20.60 17.03
CA VAL B 152 -3.85 -21.88 16.68
C VAL B 152 -2.84 -22.78 15.97
N TYR B 153 -2.14 -22.19 14.98
CA TYR B 153 -1.18 -22.90 14.15
C TYR B 153 -0.07 -23.50 15.03
N ALA B 154 0.52 -22.69 15.90
CA ALA B 154 1.65 -23.12 16.72
C ALA B 154 1.20 -24.12 17.79
N TYR B 155 0.07 -23.83 18.45
CA TYR B 155 -0.50 -24.71 19.46
C TYR B 155 -0.70 -26.10 18.87
N ASP B 156 -1.39 -26.19 17.73
CA ASP B 156 -1.72 -27.45 17.10
C ASP B 156 -0.47 -28.23 16.72
N SER B 157 0.55 -27.51 16.24
CA SER B 157 1.81 -28.10 15.84
C SER B 157 2.51 -28.75 17.04
N MET B 158 2.66 -28.00 18.14
CA MET B 158 3.30 -28.53 19.35
C MET B 158 2.52 -29.74 19.93
N LEU B 159 1.19 -29.62 19.99
CA LEU B 159 0.37 -30.65 20.62
C LEU B 159 0.40 -31.95 19.83
N ASN B 160 0.20 -31.87 18.51
CA ASN B 160 -0.08 -33.05 17.70
C ASN B 160 1.08 -33.45 16.79
N GLY B 161 2.09 -32.58 16.62
CA GLY B 161 3.17 -32.83 15.69
C GLY B 161 2.73 -32.55 14.24
N ASP B 162 3.71 -32.45 13.35
CA ASP B 162 3.48 -32.25 11.92
C ASP B 162 4.75 -32.71 11.18
N GLY B 163 4.87 -32.35 9.91
CA GLY B 163 6.02 -32.74 9.12
C GLY B 163 7.33 -32.11 9.61
N PHE B 164 7.27 -31.05 10.41
CA PHE B 164 8.46 -30.39 10.95
C PHE B 164 8.69 -30.63 12.45
N VAL B 165 7.66 -31.09 13.19
CA VAL B 165 7.67 -31.11 14.64
C VAL B 165 7.21 -32.48 15.12
N THR B 166 7.98 -33.06 16.07
CA THR B 166 7.56 -34.21 16.85
C THR B 166 6.60 -33.72 17.92
N ALA B 167 5.43 -34.38 18.05
CA ALA B 167 4.47 -34.02 19.08
C ALA B 167 5.17 -33.88 20.44
N PHE B 168 4.86 -32.81 21.18
CA PHE B 168 5.59 -32.47 22.39
C PHE B 168 5.51 -33.61 23.42
N THR B 169 6.67 -33.93 24.01
CA THR B 169 6.83 -34.89 25.10
C THR B 169 7.88 -34.32 26.07
N THR B 170 8.20 -35.09 27.12
CA THR B 170 9.17 -34.70 28.13
C THR B 170 10.40 -34.09 27.49
N GLY B 171 10.74 -32.85 27.85
CA GLY B 171 11.89 -32.14 27.35
C GLY B 171 11.51 -30.98 26.42
N ASP B 172 10.31 -31.01 25.82
CA ASP B 172 9.93 -29.98 24.86
C ASP B 172 9.52 -28.68 25.57
N TYR B 173 9.68 -27.56 24.84
CA TYR B 173 9.23 -26.27 25.31
C TYR B 173 9.16 -25.24 24.17
N LEU B 174 8.34 -24.21 24.41
CA LEU B 174 8.41 -22.93 23.71
C LEU B 174 8.39 -21.82 24.75
N LYS B 175 9.41 -20.95 24.74
CA LYS B 175 9.40 -19.82 25.65
C LYS B 175 9.65 -18.50 24.93
N VAL B 176 9.34 -17.41 25.64
CA VAL B 176 9.63 -16.06 25.20
C VAL B 176 10.44 -15.39 26.31
N THR B 177 11.54 -14.72 25.91
CA THR B 177 12.30 -13.84 26.79
C THR B 177 11.91 -12.41 26.42
N ILE B 178 11.46 -11.65 27.43
CA ILE B 178 11.12 -10.24 27.30
C ILE B 178 12.14 -9.43 28.11
N GLU B 179 12.83 -8.51 27.41
CA GLU B 179 13.88 -7.70 28.02
C GLU B 179 13.55 -6.23 27.79
N GLY B 180 13.58 -5.45 28.86
CA GLY B 180 13.36 -4.02 28.80
C GLY B 180 14.67 -3.29 28.53
N PHE B 181 14.59 -2.20 27.76
CA PHE B 181 15.71 -1.29 27.56
C PHE B 181 15.23 0.14 27.71
N ASN B 182 16.16 0.99 28.17
CA ASN B 182 15.96 2.41 28.27
C ASN B 182 17.26 3.09 27.82
N SER B 183 17.22 3.78 26.67
CA SER B 183 18.38 4.33 26.00
C SER B 183 19.46 3.26 25.81
N SER B 184 19.04 2.08 25.34
CA SER B 184 19.92 0.95 25.08
C SER B 184 20.59 0.34 26.34
N ILE B 185 20.21 0.72 27.56
CA ILE B 185 20.63 0.03 28.77
C ILE B 185 19.52 -0.90 29.24
N SER B 186 19.83 -2.17 29.54
CA SER B 186 18.86 -3.16 29.98
C SER B 186 18.23 -2.74 31.32
N THR B 187 16.90 -2.85 31.45
CA THR B 187 16.20 -2.65 32.73
C THR B 187 15.85 -4.00 33.37
N GLY B 188 16.13 -5.11 32.69
CA GLY B 188 15.90 -6.44 33.24
C GLY B 188 15.36 -7.37 32.17
N SER B 189 15.41 -8.67 32.44
CA SER B 189 15.07 -9.73 31.51
C SER B 189 14.15 -10.74 32.20
N LEU B 190 13.06 -11.17 31.57
CA LEU B 190 12.10 -12.13 32.12
C LEU B 190 11.83 -13.22 31.10
N ASP B 191 11.69 -14.48 31.56
CA ASP B 191 11.27 -15.61 30.75
C ASP B 191 9.85 -16.03 31.13
N PHE B 192 9.09 -16.48 30.11
CA PHE B 192 7.75 -17.02 30.28
C PHE B 192 7.60 -18.15 29.28
N TYR B 193 7.08 -19.30 29.72
CA TYR B 193 6.83 -20.44 28.85
C TYR B 193 5.43 -20.39 28.25
N LEU B 194 5.37 -20.34 26.92
CA LEU B 194 4.13 -20.52 26.18
C LEU B 194 3.72 -22.00 26.15
N ALA B 195 4.71 -22.88 26.24
CA ALA B 195 4.49 -24.31 26.41
C ALA B 195 5.69 -24.87 27.16
N ASP B 196 5.43 -25.66 28.20
CA ASP B 196 6.50 -26.23 28.98
C ASP B 196 6.23 -27.73 29.18
N TYR B 197 7.02 -28.56 28.50
CA TYR B 197 7.00 -30.00 28.74
C TYR B 197 8.35 -30.47 29.26
N ARG B 198 9.16 -29.59 29.84
CA ARG B 198 10.53 -29.97 30.23
C ARG B 198 10.55 -30.98 31.35
N SER B 199 9.56 -30.87 32.24
CA SER B 199 9.60 -31.55 33.51
C SER B 199 9.52 -33.06 33.35
N ALA B 200 10.29 -33.73 34.23
CA ALA B 200 10.13 -35.15 34.50
C ALA B 200 8.73 -35.45 35.07
N ILE B 201 8.08 -34.47 35.71
CA ILE B 201 6.76 -34.64 36.30
C ILE B 201 5.75 -34.29 35.21
N ALA B 202 4.97 -35.26 34.70
CA ALA B 202 4.05 -34.96 33.59
C ALA B 202 2.99 -33.92 34.00
N ALA B 203 2.59 -33.91 35.27
CA ALA B 203 1.66 -32.91 35.80
C ALA B 203 2.14 -31.47 35.64
N GLU B 204 3.45 -31.21 35.51
CA GLU B 204 3.97 -29.86 35.27
C GLU B 204 3.88 -29.43 33.79
N HIS B 205 3.43 -30.31 32.85
CA HIS B 205 3.43 -29.99 31.42
C HIS B 205 2.18 -29.18 31.08
N TYR B 206 2.30 -28.18 30.18
CA TYR B 206 1.15 -27.42 29.68
C TYR B 206 1.51 -26.74 28.36
N ILE B 207 0.47 -26.39 27.59
CA ILE B 207 0.50 -25.51 26.44
C ILE B 207 -0.61 -24.48 26.64
N LEU B 208 -0.26 -23.18 26.61
CA LEU B 208 -1.26 -22.14 26.85
C LEU B 208 -2.28 -22.13 25.72
N ASP B 209 -3.57 -22.15 26.10
CA ASP B 209 -4.67 -21.99 25.15
C ASP B 209 -5.52 -20.77 25.46
N ALA B 210 -5.24 -20.06 26.55
CA ALA B 210 -5.99 -18.89 27.00
C ALA B 210 -5.03 -17.69 27.05
N TRP B 211 -5.60 -16.50 26.97
CA TRP B 211 -4.83 -15.29 27.23
C TRP B 211 -4.31 -15.30 28.66
N THR B 212 -2.99 -15.18 28.82
CA THR B 212 -2.34 -15.37 30.12
C THR B 212 -1.59 -14.09 30.46
N PHE B 213 -1.76 -13.60 31.69
CA PHE B 213 -1.14 -12.37 32.14
C PHE B 213 0.34 -12.59 32.46
N LEU B 214 1.20 -11.72 31.93
CA LEU B 214 2.63 -11.73 32.16
C LEU B 214 3.02 -10.46 32.92
N ASP B 215 3.60 -10.60 34.11
CA ASP B 215 3.89 -9.48 34.98
C ASP B 215 5.19 -8.81 34.52
N LEU B 216 5.11 -7.52 34.12
CA LEU B 216 6.26 -6.78 33.62
C LEU B 216 6.75 -5.74 34.61
N ASP B 217 6.26 -5.77 35.87
CA ASP B 217 6.58 -4.76 36.86
C ASP B 217 8.07 -4.45 36.96
N THR B 218 8.94 -5.49 36.98
CA THR B 218 10.35 -5.31 37.29
C THR B 218 11.09 -4.61 36.15
N LEU B 219 10.50 -4.50 34.95
CA LEU B 219 11.14 -3.79 33.85
C LEU B 219 11.12 -2.27 34.04
N GLY B 220 10.20 -1.73 34.86
CA GLY B 220 10.13 -0.29 35.12
C GLY B 220 9.89 0.50 33.83
N ALA B 221 10.58 1.64 33.72
CA ALA B 221 10.42 2.53 32.57
C ALA B 221 11.29 2.07 31.40
N VAL B 222 10.67 1.79 30.26
CA VAL B 222 11.38 1.33 29.07
C VAL B 222 11.01 2.20 27.88
N ASP B 223 11.95 2.33 26.92
CA ASP B 223 11.65 2.85 25.59
C ASP B 223 11.67 1.74 24.54
N GLU B 224 11.96 0.49 24.96
CA GLU B 224 12.05 -0.65 24.06
C GLU B 224 11.81 -1.94 24.85
N LEU B 225 10.97 -2.83 24.31
CA LEU B 225 10.78 -4.17 24.81
C LEU B 225 11.30 -5.11 23.73
N GLN B 226 12.29 -5.96 24.09
CA GLN B 226 12.77 -6.98 23.16
C GLN B 226 12.13 -8.33 23.46
N PHE B 227 11.72 -9.05 22.39
CA PHE B 227 11.12 -10.37 22.48
C PHE B 227 11.97 -11.34 21.66
N THR B 228 12.28 -12.50 22.26
CA THR B 228 12.99 -13.58 21.60
C THR B 228 12.29 -14.88 21.96
N LEU B 229 11.92 -15.66 20.94
CA LEU B 229 11.40 -17.00 21.17
C LEU B 229 12.58 -17.98 21.21
N GLU B 230 12.37 -19.07 21.98
CA GLU B 230 13.28 -20.20 21.97
C GLU B 230 12.43 -21.47 22.12
N SER B 231 12.83 -22.54 21.42
CA SER B 231 12.10 -23.80 21.41
C SER B 231 13.07 -24.98 21.54
N SER B 232 12.58 -26.09 22.08
CA SER B 232 13.23 -27.37 22.01
C SER B 232 13.40 -27.85 20.56
N GLN B 233 12.53 -27.40 19.65
CA GLN B 233 12.57 -27.85 18.27
C GLN B 233 12.48 -26.65 17.36
N SER B 234 13.43 -26.55 16.42
CA SER B 234 13.48 -25.43 15.48
C SER B 234 12.31 -25.46 14.48
N GLY B 235 11.61 -26.60 14.34
CA GLY B 235 10.45 -26.71 13.47
C GLY B 235 9.16 -26.10 14.03
N VAL B 236 9.11 -25.77 15.32
CA VAL B 236 7.91 -25.22 15.92
C VAL B 236 7.61 -23.87 15.24
N PRO B 237 6.35 -23.59 14.82
CA PRO B 237 6.05 -22.29 14.24
C PRO B 237 6.40 -21.17 15.21
N SER B 238 7.31 -20.26 14.79
CA SER B 238 7.92 -19.29 15.70
C SER B 238 7.01 -18.06 15.85
N TYR B 239 5.85 -18.30 16.48
CA TYR B 239 4.85 -17.27 16.68
C TYR B 239 4.49 -17.13 18.16
N LEU B 240 4.05 -15.90 18.50
CA LEU B 240 3.21 -15.68 19.67
C LEU B 240 2.10 -14.69 19.34
N ALA B 241 1.04 -14.76 20.16
CA ALA B 241 -0.05 -13.82 20.20
C ALA B 241 0.15 -12.98 21.47
N LEU B 242 -0.10 -11.67 21.33
CA LEU B 242 0.11 -10.70 22.40
C LEU B 242 -1.01 -9.68 22.34
N ASP B 243 -1.37 -9.13 23.50
CA ASP B 243 -2.45 -8.17 23.57
C ASP B 243 -2.38 -7.40 24.88
N GLN B 244 -3.08 -6.26 24.93
CA GLN B 244 -3.31 -5.49 26.12
C GLN B 244 -1.99 -5.23 26.84
N VAL B 245 -1.05 -4.60 26.11
CA VAL B 245 0.30 -4.41 26.61
C VAL B 245 0.34 -3.17 27.49
N GLY B 246 0.45 -3.38 28.80
CA GLY B 246 0.54 -2.32 29.78
C GLY B 246 -0.77 -2.14 30.53
N VAL B 247 -1.33 -3.22 31.10
CA VAL B 247 -2.57 -3.18 31.86
C VAL B 247 -2.31 -3.71 33.27
N VAL B 248 -3.19 -3.35 34.20
CA VAL B 248 -3.09 -3.80 35.59
C VAL B 248 -3.47 -5.28 35.66
N PRO B 249 -2.95 -6.06 36.65
CA PRO B 249 -3.46 -7.42 36.84
C PRO B 249 -4.91 -7.38 37.33
N GLU B 250 -5.81 -8.19 36.75
CA GLU B 250 -7.19 -8.25 37.19
C GLU B 250 -7.24 -9.12 38.45
N ALA C 28 6.29 15.16 -26.61
CA ALA C 28 7.53 14.57 -26.02
C ALA C 28 7.75 15.13 -24.62
N ILE C 29 8.20 14.32 -23.65
CA ILE C 29 8.45 14.81 -22.31
C ILE C 29 9.84 15.47 -22.30
N SER C 30 9.88 16.80 -22.40
CA SER C 30 11.10 17.57 -22.41
C SER C 30 11.49 18.08 -21.01
N PHE C 31 10.53 18.08 -20.06
CA PHE C 31 10.66 18.68 -18.75
C PHE C 31 10.74 20.22 -18.79
N GLU C 32 10.58 20.85 -19.97
CA GLU C 32 10.74 22.31 -20.10
C GLU C 32 9.49 23.01 -19.53
N GLY C 33 9.68 24.18 -18.94
CA GLY C 33 8.57 24.88 -18.28
C GLY C 33 7.95 24.14 -17.08
N LEU C 34 8.66 23.17 -16.47
CA LEU C 34 8.45 22.88 -15.05
C LEU C 34 9.25 23.91 -14.28
N GLY C 35 8.70 24.40 -13.16
CA GLY C 35 9.28 25.52 -12.41
C GLY C 35 10.25 25.05 -11.31
N PHE C 36 11.21 25.93 -10.96
CA PHE C 36 12.13 25.72 -9.86
C PHE C 36 11.89 26.80 -8.80
N ALA C 37 11.13 26.46 -7.76
CA ALA C 37 10.83 27.38 -6.67
C ALA C 37 12.07 27.69 -5.85
N SER C 38 12.99 26.74 -5.75
CA SER C 38 14.16 26.81 -4.89
C SER C 38 15.36 26.06 -5.50
N GLY C 39 16.41 26.76 -5.91
CA GLY C 39 17.62 26.12 -6.44
C GLY C 39 17.43 25.67 -7.88
N ASP C 40 18.27 24.73 -8.31
CA ASP C 40 18.36 24.29 -9.69
C ASP C 40 17.80 22.89 -9.90
N TYR C 41 17.00 22.41 -8.94
CA TYR C 41 16.39 21.10 -9.06
C TYR C 41 15.17 21.01 -8.15
N GLU C 42 14.36 19.98 -8.39
CA GLU C 42 13.15 19.71 -7.64
C GLU C 42 13.14 18.25 -7.20
N LYS C 43 13.26 18.06 -5.88
CA LYS C 43 13.26 16.75 -5.24
C LYS C 43 11.90 16.42 -4.64
N GLY C 44 10.99 17.40 -4.61
CA GLY C 44 9.67 17.21 -4.05
C GLY C 44 9.34 18.15 -2.90
N ALA C 45 10.29 19.00 -2.47
CA ALA C 45 10.00 19.96 -1.41
C ALA C 45 8.91 20.98 -1.82
N ASN C 46 8.71 21.25 -3.13
CA ASN C 46 7.78 22.27 -3.58
C ASN C 46 6.58 21.69 -4.33
N LEU C 47 6.42 20.37 -4.39
CA LEU C 47 5.29 19.82 -5.12
C LEU C 47 4.04 19.82 -4.25
N SER C 48 2.88 19.93 -4.90
CA SER C 48 1.59 19.80 -4.24
C SER C 48 1.27 18.33 -4.11
N GLY C 49 1.03 17.93 -2.86
CA GLY C 49 0.68 16.56 -2.56
C GLY C 49 0.12 16.43 -1.15
N VAL C 50 0.07 15.18 -0.69
CA VAL C 50 -0.55 14.83 0.57
C VAL C 50 0.55 14.47 1.56
N GLU C 51 0.43 15.05 2.76
CA GLU C 51 1.41 14.84 3.83
C GLU C 51 0.80 14.00 4.92
N THR C 52 1.51 12.93 5.32
CA THR C 52 1.07 12.06 6.41
C THR C 52 2.24 11.83 7.36
N THR C 53 1.90 11.72 8.65
CA THR C 53 2.87 11.41 9.69
C THR C 53 3.00 9.89 9.78
N GLU C 54 4.22 9.39 9.79
CA GLU C 54 4.52 7.96 9.83
C GLU C 54 5.77 7.75 10.67
N ASN C 55 5.88 6.56 11.29
CA ASN C 55 7.10 6.15 11.96
C ASN C 55 7.94 5.39 10.95
N ARG C 56 9.13 5.88 10.61
CA ARG C 56 9.96 5.29 9.56
C ARG C 56 11.41 5.28 10.02
N PHE C 57 12.08 4.12 9.87
CA PHE C 57 13.44 3.88 10.34
C PHE C 57 13.68 4.47 11.73
N GLY C 58 12.72 4.31 12.64
CA GLY C 58 12.90 4.69 14.03
C GLY C 58 12.33 6.06 14.40
N SER C 59 11.92 6.91 13.45
CA SER C 59 11.52 8.29 13.70
C SER C 59 10.12 8.60 13.18
N ASP C 60 9.43 9.52 13.86
CA ASP C 60 8.21 10.11 13.33
C ASP C 60 8.55 11.18 12.31
N VAL C 61 8.08 11.01 11.07
CA VAL C 61 8.41 11.90 9.98
C VAL C 61 7.13 12.25 9.22
N THR C 62 7.23 13.35 8.45
CA THR C 62 6.20 13.84 7.58
C THR C 62 6.57 13.38 6.17
N VAL C 63 5.73 12.50 5.59
CA VAL C 63 5.94 11.99 4.25
C VAL C 63 4.99 12.72 3.30
N ARG C 64 5.56 13.40 2.29
CA ARG C 64 4.80 14.04 1.24
C ARG C 64 4.78 13.13 0.02
N ARG C 65 3.57 12.78 -0.46
CA ARG C 65 3.37 12.00 -1.68
C ARG C 65 2.70 12.92 -2.69
N SER C 66 3.37 13.17 -3.82
CA SER C 66 2.96 14.14 -4.82
C SER C 66 3.06 13.48 -6.20
N THR C 67 2.35 14.07 -7.18
CA THR C 67 2.51 13.75 -8.59
C THR C 67 2.73 15.06 -9.34
N PHE C 68 3.76 15.15 -10.17
CA PHE C 68 3.88 16.26 -11.13
C PHE C 68 3.58 15.75 -12.54
N SER C 69 3.23 16.69 -13.42
CA SER C 69 2.80 16.41 -14.79
C SER C 69 3.67 17.13 -15.82
N HIS C 70 3.95 16.46 -16.93
CA HIS C 70 4.46 17.13 -18.11
C HIS C 70 3.64 16.66 -19.31
N GLY C 71 2.80 17.56 -19.81
CA GLY C 71 1.69 17.25 -20.69
C GLY C 71 0.82 16.13 -20.12
N GLY C 72 0.77 15.00 -20.85
CA GLY C 72 -0.11 13.89 -20.53
C GLY C 72 0.54 12.89 -19.60
N ALA C 73 1.81 13.10 -19.22
CA ALA C 73 2.55 12.14 -18.42
C ALA C 73 2.58 12.59 -16.95
N ASN C 74 2.49 11.62 -16.03
CA ASN C 74 2.40 11.84 -14.59
C ASN C 74 3.52 11.08 -13.91
N PHE C 75 4.21 11.78 -12.97
CA PHE C 75 5.41 11.32 -12.30
C PHE C 75 5.18 11.41 -10.77
N ASP C 76 5.22 10.27 -10.07
CA ASP C 76 5.03 10.23 -8.62
C ASP C 76 6.35 10.48 -7.89
N ASN C 77 6.24 11.17 -6.74
CA ASN C 77 7.37 11.66 -5.95
C ASN C 77 7.01 11.46 -4.46
N GLU C 78 7.98 11.02 -3.67
CA GLU C 78 7.91 10.96 -2.21
C GLU C 78 9.06 11.79 -1.62
N TYR C 79 8.75 12.73 -0.72
CA TYR C 79 9.73 13.59 -0.07
C TYR C 79 9.48 13.54 1.44
N VAL C 80 10.55 13.30 2.22
CA VAL C 80 10.44 13.22 3.67
C VAL C 80 11.00 14.51 4.24
N VAL C 81 10.13 15.31 4.85
CA VAL C 81 10.46 16.70 5.18
C VAL C 81 11.64 16.79 6.16
N GLU C 82 11.60 15.98 7.22
CA GLU C 82 12.55 16.12 8.32
C GLU C 82 13.93 15.61 7.94
N TRP C 83 14.06 14.77 6.89
CA TRP C 83 15.34 14.25 6.43
C TRP C 83 15.84 14.93 5.16
N GLY C 84 14.95 15.59 4.40
CA GLY C 84 15.28 16.10 3.08
C GLY C 84 15.61 15.02 2.06
N SER C 85 15.22 13.76 2.33
CA SER C 85 15.42 12.64 1.44
C SER C 85 14.20 12.49 0.53
N TRP C 86 14.36 11.80 -0.61
CA TRP C 86 13.27 11.67 -1.55
C TRP C 86 13.42 10.38 -2.33
N SER C 87 12.37 10.04 -3.07
CA SER C 87 12.40 8.92 -4.00
C SER C 87 11.32 9.08 -5.06
N GLY C 88 11.45 8.29 -6.13
CA GLY C 88 10.60 8.35 -7.29
C GLY C 88 11.20 9.27 -8.33
N TRP C 89 10.40 10.24 -8.80
CA TRP C 89 10.81 11.15 -9.87
C TRP C 89 10.97 12.58 -9.38
N GLY C 90 12.01 13.25 -9.90
CA GLY C 90 12.17 14.69 -9.81
C GLY C 90 12.70 15.25 -11.13
N TYR C 91 13.19 16.49 -11.08
CA TYR C 91 13.67 17.14 -12.27
C TYR C 91 14.70 18.21 -11.91
N SER C 92 15.40 18.69 -12.93
CA SER C 92 16.64 19.43 -12.73
C SER C 92 16.94 20.30 -13.93
N ARG C 93 17.67 21.40 -13.68
CA ARG C 93 18.43 22.11 -14.69
C ARG C 93 19.92 22.24 -14.27
N ASP C 94 20.38 21.37 -13.36
CA ASP C 94 21.66 21.59 -12.69
C ASP C 94 22.83 21.42 -13.69
N THR C 95 23.79 22.36 -13.66
CA THR C 95 24.98 22.33 -14.51
C THR C 95 26.22 21.91 -13.70
N ASP C 96 26.09 21.63 -12.40
CA ASP C 96 27.24 21.36 -11.56
C ASP C 96 27.71 19.92 -11.76
N THR C 97 28.92 19.70 -12.31
CA THR C 97 29.40 18.35 -12.56
C THR C 97 30.54 17.95 -11.60
N VAL C 98 30.65 18.64 -10.46
CA VAL C 98 31.66 18.32 -9.45
C VAL C 98 31.05 17.30 -8.48
N PRO C 99 31.57 16.06 -8.38
CA PRO C 99 31.06 15.10 -7.40
C PRO C 99 31.12 15.63 -5.96
N ASN C 100 30.03 15.44 -5.22
CA ASN C 100 29.98 15.79 -3.80
C ASN C 100 28.91 14.94 -3.10
N THR C 101 29.06 13.62 -3.24
CA THR C 101 28.09 12.57 -2.86
C THR C 101 26.65 13.09 -3.00
N TYR C 102 25.85 13.04 -1.91
CA TYR C 102 24.42 13.35 -1.94
C TYR C 102 24.17 14.85 -2.01
N LEU C 103 25.21 15.68 -1.81
CA LEU C 103 25.07 17.12 -1.96
C LEU C 103 25.05 17.54 -3.42
N ASN C 104 25.41 16.68 -4.39
CA ASN C 104 25.23 16.98 -5.80
C ASN C 104 24.66 15.75 -6.53
N GLN C 105 23.37 15.50 -6.30
CA GLN C 105 22.69 14.28 -6.72
C GLN C 105 21.70 14.48 -7.87
N MET C 106 21.42 15.72 -8.28
CA MET C 106 20.38 16.00 -9.27
C MET C 106 20.99 16.38 -10.62
N SER C 107 22.33 16.26 -10.76
CA SER C 107 23.02 16.69 -11.96
C SER C 107 23.28 15.49 -12.86
N ALA C 108 22.97 15.62 -14.15
CA ALA C 108 23.36 14.61 -15.13
C ALA C 108 24.83 14.82 -15.47
N MET C 109 25.54 13.75 -15.86
CA MET C 109 26.96 13.86 -16.19
C MET C 109 27.26 14.97 -17.20
N PRO C 110 26.45 15.18 -18.29
CA PRO C 110 26.70 16.30 -19.19
C PRO C 110 26.49 17.70 -18.63
N GLY C 111 25.81 17.87 -17.50
CA GLY C 111 25.60 19.18 -16.91
C GLY C 111 24.66 20.08 -17.72
N ILE C 112 23.73 19.45 -18.44
CA ILE C 112 22.76 20.07 -19.33
C ILE C 112 21.77 18.96 -19.67
N GLY C 113 20.58 19.31 -20.16
CA GLY C 113 19.66 18.31 -20.69
C GLY C 113 20.12 17.77 -22.05
N ALA C 114 19.34 16.82 -22.59
CA ALA C 114 19.58 16.29 -23.92
C ALA C 114 19.12 17.29 -25.00
N GLN C 115 19.73 17.14 -26.20
CA GLN C 115 19.43 17.94 -27.38
C GLN C 115 19.59 19.43 -27.08
N GLY C 116 20.54 19.78 -26.20
CA GLY C 116 20.79 21.18 -25.86
C GLY C 116 19.72 21.81 -24.96
N THR C 117 18.78 21.03 -24.41
CA THR C 117 17.70 21.60 -23.60
C THR C 117 18.20 21.83 -22.16
N THR C 118 17.54 22.74 -21.44
CA THR C 118 17.95 23.14 -20.10
C THR C 118 17.54 22.10 -19.07
N ASN C 119 16.29 21.66 -19.10
CA ASN C 119 15.70 20.85 -18.04
C ASN C 119 15.75 19.36 -18.36
N TYR C 120 15.80 18.51 -17.33
CA TYR C 120 15.80 17.08 -17.50
C TYR C 120 15.25 16.41 -16.25
N GLY C 121 14.98 15.10 -16.37
CA GLY C 121 14.43 14.33 -15.29
C GLY C 121 15.50 13.55 -14.55
N ILE C 122 15.20 13.26 -13.28
CA ILE C 122 15.99 12.40 -12.42
C ILE C 122 15.05 11.39 -11.79
N GLY C 123 15.43 10.10 -11.83
CA GLY C 123 14.77 9.08 -11.05
C GLY C 123 15.69 8.60 -9.91
N TYR C 124 15.22 8.67 -8.66
CA TYR C 124 15.84 7.95 -7.56
C TYR C 124 14.97 6.72 -7.37
N LEU C 125 15.32 5.62 -8.07
CA LEU C 125 14.50 4.43 -8.16
C LEU C 125 14.92 3.50 -7.03
N SER C 126 14.57 3.99 -5.83
CA SER C 126 15.01 3.49 -4.54
C SER C 126 14.72 2.00 -4.41
N GLY C 127 15.71 1.28 -3.87
CA GLY C 127 15.57 -0.10 -3.51
C GLY C 127 15.54 -1.05 -4.70
N TRP C 128 15.89 -0.58 -5.89
CA TRP C 128 16.00 -1.44 -7.08
C TRP C 128 14.63 -2.04 -7.45
N THR C 129 13.53 -1.31 -7.15
CA THR C 129 12.16 -1.74 -7.46
C THR C 129 11.66 -0.94 -8.67
N THR C 130 10.40 -1.17 -9.06
CA THR C 130 9.85 -0.63 -10.29
C THR C 130 9.08 0.67 -10.01
N TYR C 131 9.30 1.67 -10.87
CA TYR C 131 8.62 2.96 -10.87
C TYR C 131 8.05 3.18 -12.26
N SER C 132 7.02 4.02 -12.37
CA SER C 132 6.36 4.19 -13.65
C SER C 132 6.14 5.67 -13.98
N ILE C 133 6.12 5.92 -15.30
CA ILE C 133 5.53 7.10 -15.90
C ILE C 133 4.15 6.71 -16.37
N ASP C 134 3.10 7.42 -15.90
CA ASP C 134 1.70 7.09 -16.18
C ASP C 134 1.15 8.12 -17.17
N TYR C 135 0.66 7.63 -18.31
CA TYR C 135 0.12 8.50 -19.34
C TYR C 135 -1.40 8.56 -19.19
N ALA C 136 -1.95 9.78 -19.26
CA ALA C 136 -3.37 10.01 -19.28
C ALA C 136 -3.99 9.41 -20.54
N SER C 137 -3.21 9.41 -21.62
CA SER C 137 -3.64 8.90 -22.90
C SER C 137 -2.52 8.05 -23.50
N ALA C 138 -2.83 7.03 -24.30
CA ALA C 138 -1.78 6.19 -24.88
C ALA C 138 -0.80 7.05 -25.68
N PHE C 139 0.50 6.85 -25.45
CA PHE C 139 1.53 7.49 -26.23
C PHE C 139 2.14 6.45 -27.18
N ASP C 140 2.22 6.79 -28.47
CA ASP C 140 2.78 5.88 -29.46
C ASP C 140 4.27 6.15 -29.63
N PHE C 141 5.11 5.20 -29.17
CA PHE C 141 6.56 5.27 -29.33
C PHE C 141 7.06 4.77 -30.69
N SER C 142 6.18 4.37 -31.62
CA SER C 142 6.60 3.94 -32.95
C SER C 142 7.51 5.01 -33.57
N GLY C 143 8.73 4.61 -33.97
CA GLY C 143 9.67 5.53 -34.63
C GLY C 143 10.32 6.54 -33.67
N LEU C 144 10.11 6.37 -32.35
CA LEU C 144 10.58 7.33 -31.35
C LEU C 144 11.46 6.65 -30.32
N GLY C 145 12.13 7.50 -29.53
CA GLY C 145 12.97 7.07 -28.43
C GLY C 145 13.07 8.13 -27.35
N MET C 146 14.07 7.94 -26.48
CA MET C 146 14.33 8.81 -25.36
C MET C 146 15.83 8.87 -25.14
N PHE C 147 16.27 9.80 -24.28
CA PHE C 147 17.67 9.90 -23.87
C PHE C 147 17.81 9.53 -22.40
N VAL C 148 18.92 8.84 -22.10
CA VAL C 148 19.29 8.55 -20.71
C VAL C 148 20.80 8.77 -20.54
N THR C 149 21.21 8.99 -19.29
CA THR C 149 22.61 9.02 -18.92
C THR C 149 22.71 8.81 -17.41
N ASN C 150 23.97 8.77 -16.91
CA ASN C 150 24.20 8.66 -15.49
C ASN C 150 24.14 10.02 -14.83
N THR C 151 23.79 10.02 -13.54
CA THR C 151 24.05 11.20 -12.71
C THR C 151 25.53 11.24 -12.36
N VAL C 152 26.00 12.43 -12.01
CA VAL C 152 27.37 12.64 -11.57
C VAL C 152 27.66 11.77 -10.35
N TYR C 153 26.73 11.78 -9.37
CA TYR C 153 26.86 11.01 -8.13
C TYR C 153 27.06 9.52 -8.41
N ALA C 154 26.19 8.94 -9.25
CA ALA C 154 26.22 7.52 -9.55
C ALA C 154 27.44 7.13 -10.37
N TYR C 155 27.72 7.94 -11.41
CA TYR C 155 28.86 7.74 -12.27
C TYR C 155 30.14 7.66 -11.42
N ASP C 156 30.35 8.69 -10.58
CA ASP C 156 31.57 8.79 -9.81
C ASP C 156 31.73 7.61 -8.84
N SER C 157 30.59 7.20 -8.26
CA SER C 157 30.55 6.09 -7.32
C SER C 157 31.02 4.79 -7.99
N MET C 158 30.41 4.46 -9.14
CA MET C 158 30.79 3.26 -9.88
C MET C 158 32.27 3.30 -10.33
N LEU C 159 32.72 4.44 -10.85
CA LEU C 159 34.05 4.54 -11.40
C LEU C 159 35.13 4.38 -10.33
N ASN C 160 34.99 5.10 -9.20
CA ASN C 160 36.07 5.31 -8.25
C ASN C 160 35.85 4.58 -6.92
N GLY C 161 34.64 4.05 -6.68
CA GLY C 161 34.31 3.45 -5.39
C GLY C 161 34.05 4.50 -4.31
N ASP C 162 33.48 4.05 -3.20
CA ASP C 162 33.19 4.87 -2.03
C ASP C 162 32.96 3.93 -0.85
N GLY C 163 32.41 4.46 0.26
CA GLY C 163 32.21 3.65 1.45
C GLY C 163 31.17 2.54 1.25
N PHE C 164 30.33 2.63 0.21
CA PHE C 164 29.30 1.64 -0.09
C PHE C 164 29.62 0.76 -1.30
N VAL C 165 30.58 1.17 -2.16
CA VAL C 165 30.79 0.57 -3.47
C VAL C 165 32.28 0.31 -3.68
N THR C 166 32.61 -0.89 -4.14
CA THR C 166 33.93 -1.24 -4.65
C THR C 166 34.02 -0.70 -6.06
N ALA C 167 35.11 0.03 -6.38
CA ALA C 167 35.29 0.56 -7.73
C ALA C 167 35.04 -0.55 -8.77
N PHE C 168 34.26 -0.23 -9.81
CA PHE C 168 33.83 -1.22 -10.79
C PHE C 168 35.02 -1.92 -11.44
N THR C 169 34.94 -3.25 -11.52
CA THR C 169 35.89 -4.12 -12.22
C THR C 169 35.06 -5.19 -12.94
N THR C 170 35.77 -6.12 -13.59
CA THR C 170 35.20 -7.24 -14.32
C THR C 170 34.01 -7.84 -13.58
N GLY C 171 32.83 -7.82 -14.23
CA GLY C 171 31.61 -8.39 -13.68
C GLY C 171 30.60 -7.34 -13.21
N ASP C 172 31.04 -6.09 -12.95
CA ASP C 172 30.12 -5.07 -12.47
C ASP C 172 29.24 -4.53 -13.61
N TYR C 173 28.07 -4.00 -13.23
CA TYR C 173 27.14 -3.39 -14.15
C TYR C 173 26.10 -2.55 -13.40
N LEU C 174 25.46 -1.66 -14.18
CA LEU C 174 24.23 -0.98 -13.82
C LEU C 174 23.34 -0.97 -15.05
N LYS C 175 22.13 -1.52 -14.96
CA LYS C 175 21.18 -1.44 -16.07
C LYS C 175 19.83 -0.89 -15.62
N VAL C 176 19.03 -0.50 -16.61
CA VAL C 176 17.63 -0.15 -16.42
C VAL C 176 16.81 -1.04 -17.35
N THR C 177 15.79 -1.71 -16.80
CA THR C 177 14.80 -2.40 -17.61
C THR C 177 13.62 -1.43 -17.81
N ILE C 178 13.28 -1.17 -19.08
CA ILE C 178 12.18 -0.30 -19.47
C ILE C 178 11.14 -1.21 -20.12
N GLU C 179 9.93 -1.23 -19.55
CA GLU C 179 8.85 -2.08 -20.02
C GLU C 179 7.63 -1.22 -20.30
N GLY C 180 7.05 -1.40 -21.50
CA GLY C 180 5.81 -0.73 -21.86
C GLY C 180 4.60 -1.55 -21.43
N PHE C 181 3.52 -0.85 -21.06
CA PHE C 181 2.23 -1.47 -20.77
C PHE C 181 1.13 -0.67 -21.44
N ASN C 182 0.08 -1.39 -21.82
CA ASN C 182 -1.12 -0.82 -22.41
C ASN C 182 -2.30 -1.59 -21.83
N SER C 183 -3.11 -0.91 -20.99
CA SER C 183 -4.20 -1.54 -20.25
C SER C 183 -3.70 -2.74 -19.46
N SER C 184 -2.57 -2.55 -18.75
CA SER C 184 -1.98 -3.58 -17.90
C SER C 184 -1.36 -4.76 -18.66
N ILE C 185 -1.35 -4.79 -20.02
CA ILE C 185 -0.68 -5.85 -20.77
C ILE C 185 0.67 -5.31 -21.28
N SER C 186 1.75 -6.08 -21.09
CA SER C 186 3.09 -5.70 -21.52
C SER C 186 3.15 -5.56 -23.04
N THR C 187 3.78 -4.47 -23.53
CA THR C 187 4.02 -4.29 -24.98
C THR C 187 5.46 -4.69 -25.35
N GLY C 188 6.29 -5.02 -24.35
CA GLY C 188 7.66 -5.40 -24.58
C GLY C 188 8.53 -4.78 -23.50
N SER C 189 9.76 -5.26 -23.44
CA SER C 189 10.73 -4.97 -22.41
C SER C 189 12.09 -4.71 -23.09
N LEU C 190 12.87 -3.75 -22.63
CA LEU C 190 14.26 -3.72 -23.04
C LEU C 190 15.19 -3.37 -21.88
N ASP C 191 16.41 -3.95 -21.93
CA ASP C 191 17.46 -3.74 -20.96
C ASP C 191 18.49 -2.80 -21.59
N PHE C 192 18.75 -1.68 -20.91
CA PHE C 192 19.75 -0.72 -21.36
C PHE C 192 20.79 -0.57 -20.26
N TYR C 193 22.06 -0.72 -20.61
CA TYR C 193 23.14 -0.63 -19.62
C TYR C 193 23.64 0.81 -19.51
N LEU C 194 23.52 1.35 -18.30
CA LEU C 194 24.15 2.62 -17.94
C LEU C 194 25.64 2.40 -17.69
N ALA C 195 26.02 1.18 -17.28
CA ALA C 195 27.42 0.82 -17.07
C ALA C 195 27.55 -0.68 -17.26
N ASP C 196 28.56 -1.11 -18.01
CA ASP C 196 28.75 -2.52 -18.25
C ASP C 196 30.24 -2.85 -18.18
N TYR C 197 30.62 -3.59 -17.11
CA TYR C 197 31.99 -4.08 -16.96
C TYR C 197 32.05 -5.61 -17.03
N ARG C 198 31.03 -6.24 -17.63
CA ARG C 198 30.95 -7.71 -17.62
C ARG C 198 31.99 -8.32 -18.55
N SER C 199 32.59 -7.56 -19.51
CA SER C 199 33.57 -8.16 -20.39
C SER C 199 34.84 -8.51 -19.62
N ALA C 200 35.44 -9.65 -19.98
CA ALA C 200 36.80 -9.97 -19.58
C ALA C 200 37.80 -9.00 -20.19
N ILE C 201 37.45 -8.34 -21.31
CA ILE C 201 38.31 -7.38 -21.99
C ILE C 201 38.09 -6.01 -21.32
N ALA C 202 39.13 -5.49 -20.63
CA ALA C 202 39.01 -4.26 -19.87
C ALA C 202 38.66 -3.07 -20.76
N ALA C 203 39.18 -3.10 -22.00
CA ALA C 203 38.91 -2.03 -22.96
C ALA C 203 37.41 -1.92 -23.30
N GLU C 204 36.63 -3.01 -23.18
CA GLU C 204 35.21 -2.97 -23.46
C GLU C 204 34.37 -2.40 -22.30
N HIS C 205 34.97 -2.12 -21.12
CA HIS C 205 34.20 -1.66 -19.97
C HIS C 205 33.75 -0.24 -20.22
N TYR C 206 32.50 0.10 -19.87
CA TYR C 206 32.09 1.48 -20.06
C TYR C 206 31.09 1.91 -18.99
N ILE C 207 31.06 3.24 -18.82
CA ILE C 207 30.05 3.94 -18.04
C ILE C 207 29.62 5.12 -18.90
N LEU C 208 28.30 5.26 -19.15
CA LEU C 208 27.77 6.33 -19.97
C LEU C 208 28.01 7.68 -19.29
N ASP C 209 28.60 8.63 -20.03
CA ASP C 209 28.83 9.99 -19.57
C ASP C 209 28.10 11.03 -20.39
N ALA C 210 27.43 10.61 -21.48
CA ALA C 210 26.74 11.49 -22.41
C ALA C 210 25.27 11.07 -22.49
N TRP C 211 24.41 12.00 -22.93
CA TRP C 211 23.03 11.65 -23.20
C TRP C 211 22.98 10.62 -24.32
N THR C 212 22.36 9.46 -24.07
CA THR C 212 22.46 8.34 -25.00
C THR C 212 21.03 8.03 -25.48
N PHE C 213 20.83 7.95 -26.79
CA PHE C 213 19.53 7.72 -27.37
C PHE C 213 19.18 6.25 -27.26
N LEU C 214 17.97 5.96 -26.76
CA LEU C 214 17.43 4.62 -26.67
C LEU C 214 16.20 4.53 -27.57
N ASP C 215 16.20 3.62 -28.55
CA ASP C 215 15.11 3.43 -29.46
C ASP C 215 14.01 2.63 -28.74
N LEU C 216 12.81 3.22 -28.63
CA LEU C 216 11.66 2.61 -27.99
C LEU C 216 10.60 2.18 -29.00
N ASP C 217 10.93 2.10 -30.29
CA ASP C 217 9.99 1.74 -31.33
C ASP C 217 9.20 0.48 -31.00
N THR C 218 9.87 -0.55 -30.47
CA THR C 218 9.27 -1.87 -30.27
C THR C 218 8.18 -1.84 -29.19
N LEU C 219 8.14 -0.81 -28.32
CA LEU C 219 7.12 -0.69 -27.29
C LEU C 219 5.76 -0.28 -27.87
N GLY C 220 5.72 0.35 -29.05
CA GLY C 220 4.48 0.81 -29.68
C GLY C 220 3.69 1.76 -28.78
N ALA C 221 2.36 1.58 -28.75
CA ALA C 221 1.47 2.44 -27.99
C ALA C 221 1.38 1.97 -26.54
N VAL C 222 1.74 2.85 -25.59
CA VAL C 222 1.74 2.52 -24.19
C VAL C 222 0.93 3.57 -23.43
N ASP C 223 0.32 3.17 -22.31
CA ASP C 223 -0.20 4.13 -21.33
C ASP C 223 0.65 4.15 -20.06
N GLU C 224 1.71 3.33 -20.02
CA GLU C 224 2.60 3.27 -18.86
C GLU C 224 3.97 2.76 -19.29
N LEU C 225 5.03 3.44 -18.84
CA LEU C 225 6.40 2.97 -18.97
C LEU C 225 6.90 2.62 -17.56
N GLN C 226 7.34 1.39 -17.36
CA GLN C 226 7.96 0.98 -16.10
C GLN C 226 9.48 0.98 -16.24
N PHE C 227 10.16 1.47 -15.19
CA PHE C 227 11.61 1.54 -15.10
C PHE C 227 12.06 0.82 -13.83
N THR C 228 13.06 -0.07 -13.95
CA THR C 228 13.64 -0.78 -12.82
C THR C 228 15.15 -0.78 -12.98
N LEU C 229 15.90 -0.32 -11.98
CA LEU C 229 17.35 -0.43 -12.01
C LEU C 229 17.78 -1.79 -11.47
N GLU C 230 18.92 -2.29 -11.94
CA GLU C 230 19.61 -3.42 -11.33
C GLU C 230 21.11 -3.18 -11.42
N SER C 231 21.81 -3.55 -10.34
CA SER C 231 23.26 -3.40 -10.27
C SER C 231 23.91 -4.67 -9.76
N SER C 232 25.17 -4.86 -10.14
CA SER C 232 26.07 -5.83 -9.51
C SER C 232 26.25 -5.55 -8.01
N GLN C 233 26.08 -4.30 -7.57
CA GLN C 233 26.32 -3.91 -6.19
C GLN C 233 25.18 -3.05 -5.67
N SER C 234 24.59 -3.48 -4.55
CA SER C 234 23.45 -2.80 -3.95
C SER C 234 23.81 -1.42 -3.39
N GLY C 235 25.09 -1.10 -3.18
CA GLY C 235 25.51 0.20 -2.71
C GLY C 235 25.55 1.30 -3.78
N VAL C 236 25.44 0.95 -5.07
CA VAL C 236 25.51 1.93 -6.14
C VAL C 236 24.34 2.90 -5.99
N PRO C 237 24.52 4.24 -6.06
CA PRO C 237 23.41 5.17 -6.02
C PRO C 237 22.36 4.85 -7.08
N SER C 238 21.13 4.52 -6.63
CA SER C 238 20.05 4.01 -7.46
C SER C 238 19.38 5.12 -8.24
N TYR C 239 20.10 5.74 -9.18
CA TYR C 239 19.62 6.88 -9.96
C TYR C 239 19.81 6.64 -11.45
N LEU C 240 18.95 7.29 -12.25
CA LEU C 240 19.23 7.58 -13.64
C LEU C 240 18.74 8.99 -13.95
N ALA C 241 19.33 9.54 -15.02
CA ALA C 241 18.90 10.77 -15.65
C ALA C 241 18.22 10.39 -16.96
N LEU C 242 17.12 11.08 -17.27
CA LEU C 242 16.30 10.80 -18.44
C LEU C 242 15.82 12.14 -19.00
N ASP C 243 15.64 12.19 -20.33
CA ASP C 243 15.19 13.42 -20.97
C ASP C 243 14.64 13.12 -22.37
N GLN C 244 13.86 14.09 -22.89
CA GLN C 244 13.38 14.10 -24.26
C GLN C 244 12.70 12.77 -24.58
N VAL C 245 11.70 12.40 -23.78
CA VAL C 245 11.06 11.10 -23.86
C VAL C 245 10.00 11.15 -24.95
N GLY C 246 10.30 10.51 -26.08
CA GLY C 246 9.40 10.40 -27.20
C GLY C 246 9.80 11.33 -28.36
N VAL C 247 11.08 11.28 -28.78
CA VAL C 247 11.57 12.13 -29.86
C VAL C 247 12.14 11.24 -30.97
N VAL C 248 12.24 11.82 -32.17
CA VAL C 248 12.79 11.10 -33.32
C VAL C 248 14.31 11.06 -33.15
N PRO C 249 15.03 10.04 -33.69
CA PRO C 249 16.49 10.11 -33.73
C PRO C 249 16.92 11.23 -34.70
N GLU C 250 17.89 12.09 -34.36
CA GLU C 250 18.22 13.22 -35.25
C GLU C 250 19.17 12.84 -36.41
CO CNC D . -16.27 5.12 -21.23
N21 CNC D . -15.64 3.64 -20.24
N22 CNC D . -17.99 4.76 -20.60
N23 CNC D . -16.65 6.70 -22.13
N24 CNC D . -14.43 5.43 -21.37
C1 CNC D . -14.23 3.29 -20.38
C20 CNC D . -14.05 2.51 -21.73
C2 CNC D . -13.95 2.39 -19.13
C25 CNC D . -12.90 1.29 -19.37
C26 CNC D . -13.61 3.30 -17.90
C27 CNC D . -13.69 2.60 -16.56
O28 CNC D . -14.71 2.58 -15.91
N29 CNC D . -12.57 1.96 -16.14
C3 CNC D . -15.34 1.75 -18.91
C30 CNC D . -15.76 0.36 -19.43
C31 CNC D . -15.53 -0.70 -18.35
C32 CNC D . -15.82 -2.11 -18.85
O34 CNC D . -16.84 -2.44 -19.52
N33 CNC D . -14.88 -3.01 -18.53
C4 CNC D . -16.25 2.85 -19.43
C5 CNC D . -17.64 3.02 -18.94
C35 CNC D . -18.10 2.22 -17.73
C6 CNC D . -18.44 3.91 -19.59
C7 CNC D . -19.91 4.29 -19.23
C36 CNC D . -20.88 3.19 -18.75
C37 CNC D . -19.70 5.34 -18.12
C38 CNC D . -21.00 5.89 -17.51
O39 CNC D . -21.84 6.51 -18.14
N40 CNC D . -21.13 5.67 -16.20
C8 CNC D . -20.40 4.92 -20.56
C41 CNC D . -21.04 3.91 -21.51
C42 CNC D . -21.53 4.46 -22.86
C43 CNC D . -22.64 5.49 -22.65
O44 CNC D . -23.48 5.34 -21.82
N45 CNC D . -22.61 6.53 -23.48
C9 CNC D . -19.07 5.41 -21.05
C10 CNC D . -19.02 6.64 -21.85
C11 CNC D . -17.92 7.21 -22.27
C12 CNC D . -17.95 8.56 -22.97
C46 CNC D . -19.18 8.85 -23.85
C47 CNC D . -17.87 9.63 -21.86
C13 CNC D . -16.60 8.49 -23.65
C48 CNC D . -16.57 8.11 -25.13
C49 CNC D . -16.57 9.37 -25.98
C50 CNC D . -16.71 9.08 -27.42
O51 CNC D . -16.36 9.97 -28.13
N52 CNC D . -17.15 7.94 -27.93
C14 CNC D . -15.85 7.45 -22.79
C15 CNC D . -14.39 7.34 -22.84
C53 CNC D . -13.66 8.30 -23.76
C16 CNC D . -13.77 6.40 -22.05
C17 CNC D . -12.26 6.35 -21.70
C54 CNC D . -12.10 7.53 -20.73
C55 CNC D . -11.19 6.43 -22.82
C56 CNC D . -11.48 5.57 -24.09
C57 CNC D . -10.48 5.91 -25.20
O58 CNC D . -10.43 7.05 -25.58
N59 CNC D . -9.66 4.99 -25.74
C18 CNC D . -12.14 4.95 -21.05
C60 CNC D . -10.94 4.76 -20.10
C61 CNC D . -10.24 3.43 -20.37
O63 CNC D . -10.13 2.85 -21.48
N62 CNC D . -9.72 2.86 -19.29
C19 CNC D . -13.60 4.61 -20.76
C1P CNC D . -8.70 5.33 -26.80
C2P CNC D . -9.42 5.31 -28.14
C3P CNC D . -8.60 5.86 -29.31
O3 CNC D . -9.69 3.94 -28.29
O4 CNC D . -11.49 3.75 -29.95
O5 CNC D . -10.90 1.81 -28.24
P CNC D . -11.13 3.24 -28.59
O2 CNC D . -12.03 3.88 -27.42
C3R CNC D . -13.46 3.81 -27.60
C2R CNC D . -14.17 3.01 -26.53
O7R CNC D . -13.45 3.14 -25.27
C1R CNC D . -15.59 3.63 -26.54
O6R CNC D . -15.36 4.97 -26.99
C4R CNC D . -14.03 5.18 -27.39
C5R CNC D . -13.95 6.09 -28.61
O8R CNC D . -14.88 5.51 -29.53
N1B CNC D . -16.18 3.51 -25.19
C8B CNC D . -16.80 2.46 -24.68
C2B CNC D . -16.02 4.42 -24.22
N3B CNC D . -16.55 4.05 -23.05
C9B CNC D . -17.08 2.80 -23.29
C4B CNC D . -17.74 1.84 -22.52
C5B CNC D . -18.13 0.60 -23.08
C5M CNC D . -18.85 -0.38 -22.19
C6B CNC D . -17.86 0.26 -24.49
C6M CNC D . -18.30 -1.03 -25.14
C7B CNC D . -17.20 1.25 -25.25
N1A CNC D . -16.27 6.95 -18.82
C1A CNC D . -16.24 6.19 -19.74
H201 CNC D . -14.23 3.06 -22.53
H202 CNC D . -14.67 1.73 -21.75
H203 CNC D . -13.12 2.18 -21.83
H251 CNC D . -12.06 1.70 -19.67
H252 CNC D . -13.16 0.62 -20.05
H253 CNC D . -12.72 0.79 -18.53
H261 CNC D . -14.20 4.11 -17.88
H262 CNC D . -12.70 3.64 -18.01
H291 CNC D . -11.81 1.97 -16.64
H292 CNC D . -12.57 1.52 -15.36
H3 CNC D . -15.48 1.67 -17.94
H301 CNC D . -15.30 0.10 -20.27
H302 CNC D . -16.72 0.36 -19.64
H311 CNC D . -16.12 -0.52 -17.59
H312 CNC D . -14.60 -0.60 -18.03
H331 CNC D . -14.15 -2.79 -18.07
H332 CNC D . -15.00 -3.86 -18.80
H351 CNC D . -18.67 1.46 -18.03
H352 CNC D . -18.61 2.79 -17.11
H353 CNC D . -17.36 1.85 -17.18
H361 CNC D . -20.77 3.02 -17.79
H362 CNC D . -20.71 2.34 -19.24
H363 CNC D . -21.82 3.45 -18.88
H371 CNC D . -19.19 6.13 -18.46
H372 CNC D . -19.13 4.96 -17.41
H401 CNC D . -20.51 5.23 -15.74
H402 CNC D . -21.85 5.97 -15.77
H8 CNC D . -21.00 5.69 -20.39
H411 CNC D . -21.82 3.47 -21.11
H412 CNC D . -20.38 3.20 -21.69
H421 CNC D . -21.87 3.71 -23.41
H422 CNC D . -20.77 4.86 -23.34
H451 CNC D . -21.97 6.61 -24.11
H452 CNC D . -23.23 7.16 -23.42
H10 CNC D . -19.90 7.02 -22.03
H461 CNC D . -19.96 8.98 -23.26
H462 CNC D . -19.37 8.08 -24.44
H463 CNC D . -19.05 9.67 -24.37
H471 CNC D . -17.09 9.48 -21.26
H472 CNC D . -18.69 9.60 -21.32
H473 CNC D . -17.79 10.54 -22.26
H13 CNC D . -16.20 9.39 -23.56
H481 CNC D . -17.34 7.52 -25.33
H482 CNC D . -15.77 7.58 -25.35
H491 CNC D . -15.71 9.84 -25.83
H492 CNC D . -17.29 9.99 -25.71
H521 CNC D . -17.42 7.23 -27.45
H522 CNC D . -17.19 7.85 -28.82
H531 CNC D . -13.44 7.83 -24.61
H532 CNC D . -12.82 8.64 -23.36
H533 CNC D . -14.16 9.12 -23.99
H541 CNC D . -12.01 8.37 -21.25
H542 CNC D . -11.28 7.45 -20.16
H543 CNC D . -12.88 7.63 -20.13
H551 CNC D . -10.32 6.13 -22.46
H552 CNC D . -11.04 7.37 -23.08
H561 CNC D . -12.39 5.73 -24.43
H562 CNC D . -11.41 4.60 -23.88
H59 CNC D . -9.70 4.13 -25.46
H18 CNC D . -11.97 4.33 -21.80
H601 CNC D . -11.24 4.85 -19.16
H602 CNC D . -10.25 5.46 -20.23
H621 CNC D . -9.78 3.23 -18.47
H622 CNC D . -9.30 2.07 -19.36
H1P1 CNC D . -7.97 4.66 -26.80
H1P2 CNC D . -8.27 6.21 -26.64
H2P CNC D . -10.26 5.83 -28.07
H3P1 CNC D . -9.15 5.85 -30.13
H3P2 CNC D . -7.80 5.30 -29.43
H3P3 CNC D . -8.32 6.79 -29.12
H3R CNC D . -13.72 3.45 -28.48
H2R CNC D . -14.23 2.06 -26.81
H1R CNC D . -16.15 3.14 -27.19
H4R CNC D . -13.54 5.62 -26.65
H5R1 CNC D . -13.04 6.09 -28.99
H5R2 CNC D . -14.22 7.02 -28.38
H2B CNC D . -15.56 5.27 -24.38
H4B CNC D . -17.95 2.03 -21.59
HM51 CNC D . -19.82 -0.29 -22.37
HM52 CNC D . -18.67 -0.16 -21.24
HM53 CNC D . -18.56 -1.31 -22.34
HM61 CNC D . -19.26 -0.96 -25.38
HM62 CNC D . -18.18 -1.79 -24.51
HM63 CNC D . -17.77 -1.20 -25.95
H7B CNC D . -16.98 1.05 -26.17
CA CA E . -30.65 1.79 1.87
CO CNC F . 9.28 -21.09 6.04
N21 CNC F . 8.88 -22.05 7.60
N22 CNC F . 7.56 -20.29 6.03
N23 CNC F . 9.87 -20.18 4.49
N24 CNC F . 11.02 -21.68 6.43
C1 CNC F . 9.94 -22.96 8.12
C20 CNC F . 9.93 -24.27 7.33
C2 CNC F . 9.55 -23.15 9.61
C25 CNC F . 9.86 -24.56 10.22
C26 CNC F . 10.20 -22.05 10.50
C27 CNC F . 9.61 -21.86 11.89
O28 CNC F . 8.67 -21.06 12.08
N29 CNC F . 10.16 -22.62 12.85
C3 CNC F . 8.05 -22.89 9.57
C30 CNC F . 7.02 -24.08 9.42
C31 CNC F . 6.46 -24.47 10.78
C32 CNC F . 5.49 -25.62 10.76
O34 CNC F . 4.60 -25.68 9.95
N33 CNC F . 5.67 -26.53 11.71
C4 CNC F . 7.88 -21.94 8.41
C5 CNC F . 6.77 -21.00 8.25
C35 CNC F . 5.85 -20.82 9.47
C6 CNC F . 6.67 -20.24 7.10
C7 CNC F . 5.64 -19.11 6.84
C36 CNC F . 4.22 -19.31 7.39
C37 CNC F . 6.32 -17.85 7.45
C38 CNC F . 5.44 -16.60 7.35
O39 CNC F . 5.03 -16.08 6.30
N40 CNC F . 5.11 -16.08 8.52
C8 CNC F . 5.63 -19.10 5.32
C41 CNC F . 4.64 -20.08 4.64
C42 CNC F . 4.53 -19.86 3.15
C43 CNC F . 3.93 -18.49 2.77
O44 CNC F . 3.15 -17.88 3.49
N45 CNC F . 4.38 -18.04 1.59
C9 CNC F . 7.06 -19.57 5.08
C10 CNC F . 7.81 -19.10 3.91
C11 CNC F . 9.13 -19.32 3.72
C12 CNC F . 9.93 -18.62 2.67
C46 CNC F . 9.16 -18.38 1.37
C47 CNC F . 10.41 -17.27 3.21
C13 CNC F . 11.08 -19.60 2.57
C48 CNC F . 11.01 -20.70 1.51
C49 CNC F . 11.81 -20.30 0.27
C50 CNC F . 11.40 -20.98 -1.00
O51 CNC F . 11.72 -20.44 -1.99
N52 CNC F . 10.79 -22.15 -1.06
C14 CNC F . 11.04 -20.25 3.94
C15 CNC F . 12.25 -20.88 4.54
C53 CNC F . 13.56 -20.79 3.75
C16 CNC F . 12.16 -21.54 5.73
C17 CNC F . 13.35 -22.07 6.52
C54 CNC F . 14.00 -20.79 7.10
C55 CNC F . 14.41 -22.96 5.82
C56 CNC F . 13.87 -24.04 4.90
C57 CNC F . 15.04 -24.79 4.28
O58 CNC F . 15.73 -24.19 3.48
N59 CNC F . 15.20 -26.08 4.60
C18 CNC F . 12.63 -22.89 7.57
C60 CNC F . 13.42 -23.07 8.87
C61 CNC F . 13.29 -24.47 9.45
O63 CNC F . 13.05 -25.45 8.75
N62 CNC F . 13.41 -24.54 10.80
C19 CNC F . 11.21 -22.38 7.52
C1P CNC F . 16.20 -26.97 4.02
C2P CNC F . 15.70 -27.48 2.67
C3P CNC F . 16.78 -28.22 1.91
O3 CNC F . 14.61 -28.34 2.96
O4 CNC F . 12.38 -29.26 2.92
O5 CNC F . 13.66 -28.26 0.67
P CNC F . 13.26 -28.35 2.13
O2 CNC F . 12.69 -26.90 2.49
C3R CNC F . 11.49 -26.42 1.93
C2R CNC F . 10.44 -26.24 2.96
O7R CNC F . 11.13 -25.75 4.20
C1R CNC F . 9.48 -25.21 2.22
O6R CNC F . 10.29 -24.46 1.33
C4R CNC F . 11.62 -24.97 1.48
C5R CNC F . 12.41 -24.88 0.18
O8R CNC F . 11.65 -25.70 -0.71
N1B CNC F . 8.83 -24.33 3.24
C8B CNC F . 7.69 -24.59 3.83
C2B CNC F . 9.37 -23.26 3.81
N3B CNC F . 8.55 -22.74 4.75
C9B CNC F . 7.49 -23.53 4.85
C4B CNC F . 6.34 -23.55 5.63
C5B CNC F . 5.37 -24.56 5.48
C5M CNC F . 4.19 -24.53 6.37
C6B CNC F . 5.58 -25.62 4.46
C6M CNC F . 4.54 -26.73 4.25
C7B CNC F . 6.73 -25.58 3.66
N1A CNC F . 9.97 -18.45 7.45
C1A CNC F . 9.74 -19.55 6.97
H201 CNC F . 10.14 -24.15 6.37
H202 CNC F . 9.03 -24.67 7.38
H203 CNC F . 10.58 -24.92 7.69
H251 CNC F . 10.83 -24.71 10.21
H252 CNC F . 9.44 -25.31 9.73
H253 CNC F . 9.55 -24.59 11.15
H261 CNC F . 10.16 -21.18 10.04
H262 CNC F . 11.16 -22.27 10.59
H291 CNC F . 10.83 -23.19 12.67
H292 CNC F . 9.86 -22.56 13.69
H3 CNC F . 7.77 -22.45 10.40
H301 CNC F . 7.41 -24.87 8.98
H302 CNC F . 6.26 -23.80 8.86
H311 CNC F . 5.96 -23.70 11.13
H312 CNC F . 7.22 -24.63 11.40
H331 CNC F . 6.33 -26.47 12.32
H332 CNC F . 5.11 -27.24 11.74
H351 CNC F . 4.97 -21.24 9.30
H352 CNC F . 5.72 -19.86 9.65
H353 CNC F . 6.22 -21.17 10.31
H361 CNC F . 4.17 -18.97 8.32
H362 CNC F . 3.98 -20.27 7.37
H363 CNC F . 3.57 -18.78 6.86
H371 CNC F . 7.17 -17.65 7.00
H372 CNC F . 6.56 -18.04 8.39
H401 CNC F . 5.38 -16.44 9.30
H402 CNC F . 4.58 -15.36 8.56
H8 CNC F . 5.54 -18.19 4.97
H411 CNC F . 3.72 -20.02 4.99
H412 CNC F . 4.94 -21.01 4.80
H421 CNC F . 3.94 -20.57 2.78
H422 CNC F . 5.41 -19.98 2.73
H451 CNC F . 4.94 -18.50 1.09
H452 CNC F . 4.08 -17.24 1.29
H10 CNC F . 7.32 -18.52 3.31
H461 CNC F . 8.55 -17.60 1.48
H462 CNC F . 8.60 -19.17 1.15
H463 CNC F . 9.79 -18.20 0.62
H471 CNC F . 10.91 -17.40 4.05
H472 CNC F . 9.62 -16.70 3.40
H473 CNC F . 10.98 -16.83 2.54
H13 CNC F . 11.90 -19.05 2.44
H481 CNC F . 10.08 -20.93 1.28
H482 CNC F . 11.43 -21.54 1.86
H491 CNC F . 12.76 -20.52 0.43
H492 CNC F . 11.76 -19.32 0.13
H521 CNC F . 10.55 -22.60 -0.32
H522 CNC F . 10.59 -22.51 -1.86
H531 CNC F . 13.68 -21.61 3.20
H532 CNC F . 14.37 -20.63 4.30
H533 CNC F . 13.56 -20.02 3.11
H541 CNC F . 14.54 -20.33 6.41
H542 CNC F . 14.63 -20.97 7.84
H543 CNC F . 13.31 -20.16 7.43
H551 CNC F . 14.92 -23.44 6.53
H552 CNC F . 15.09 -22.41 5.36
H561 CNC F . 13.33 -23.64 4.18
H562 CNC F . 13.29 -24.67 5.39
H59 CNC F . 14.65 -26.46 5.19
H18 CNC F . 12.54 -23.79 7.18
H601 CNC F . 13.13 -22.38 9.54
H602 CNC F . 14.40 -22.96 8.75
H621 CNC F . 13.57 -23.81 11.29
H622 CNC F . 13.34 -25.34 11.21
H1P1 CNC F . 16.33 -27.73 4.64
H1P2 CNC F . 17.06 -26.50 3.93
H2P CNC F . 15.40 -26.70 2.13
H3P1 CNC F . 16.48 -28.39 0.98
H3P2 CNC F . 16.96 -29.09 2.36
H3P3 CNC F . 17.61 -27.69 1.91
H3R CNC F . 11.12 -27.02 1.24
H2R CNC F . 9.97 -27.09 3.12
H1R CNC F . 8.80 -25.71 1.70
H4R CNC F . 12.11 -24.45 2.16
H5R1 CNC F . 13.31 -25.26 0.30
H5R2 CNC F . 12.49 -23.95 -0.15
H2B CNC F . 10.22 -22.88 3.53
H4B CNC F . 6.19 -22.86 6.29
HM51 CNC F . 3.47 -24.00 5.95
HM52 CNC F . 4.46 -24.09 7.21
HM53 CNC F . 3.86 -25.43 6.60
HM61 CNC F . 3.79 -26.40 3.71
HM62 CNC F . 4.21 -27.07 5.12
HM63 CNC F . 4.98 -27.48 3.77
H7B CNC F . 6.90 -26.29 3.01
CA CA G . -6.98 -5.98 22.19
CO CNC H . 20.09 6.11 2.18
N21 CNC H . 21.23 5.48 0.86
N22 CNC H . 20.13 7.86 1.35
N23 CNC H . 18.89 6.55 3.55
N24 CNC H . 19.90 4.31 2.62
C1 CNC H . 21.65 4.11 0.99
C20 CNC H . 22.77 3.97 2.06
C2 CNC H . 22.13 3.78 -0.45
C25 CNC H . 23.30 2.77 -0.54
C26 CNC H . 20.97 3.27 -1.32
C27 CNC H . 21.24 3.25 -2.83
O28 CNC H . 20.88 4.12 -3.61
N29 CNC H . 21.86 2.20 -3.31
C3 CNC H . 22.63 5.15 -0.93
C30 CNC H . 24.10 5.67 -0.80
C31 CNC H . 24.87 5.39 -2.11
C32 CNC H . 26.31 5.86 -2.12
O34 CNC H . 26.62 6.96 -1.70
N33 CNC H . 27.18 5.04 -2.70
C4 CNC H . 21.67 6.04 -0.21
C5 CNC H . 21.28 7.38 -0.72
C35 CNC H . 21.66 7.69 -2.17
C6 CNC H . 20.57 8.23 0.10
C7 CNC H . 19.95 9.57 -0.29
C36 CNC H . 20.73 10.50 -1.22
C37 CNC H . 18.64 9.17 -0.97
C38 CNC H . 17.79 10.34 -1.44
O39 CNC H . 17.31 11.21 -0.71
N40 CNC H . 17.59 10.33 -2.76
C8 CNC H . 19.74 10.20 1.09
C41 CNC H . 20.91 11.02 1.64
C42 CNC H . 20.67 11.86 2.89
C43 CNC H . 19.53 12.86 2.80
O44 CNC H . 19.30 13.56 1.84
N45 CNC H . 18.78 12.90 3.93
C9 CNC H . 19.56 8.91 1.86
C10 CNC H . 18.68 8.91 3.04
C11 CNC H . 18.37 7.79 3.74
C12 CNC H . 17.29 7.80 4.83
C46 CNC H . 17.24 9.11 5.64
C47 CNC H . 15.91 7.54 4.20
C13 CNC H . 17.70 6.54 5.62
C48 CNC H . 18.66 6.66 6.83
C49 CNC H . 18.05 7.32 8.09
C50 CNC H . 17.77 6.47 9.25
O51 CNC H . 17.27 7.05 10.17
N52 CNC H . 17.99 5.15 9.28
C14 CNC H . 18.43 5.77 4.52
C15 CNC H . 18.59 4.34 4.61
C53 CNC H . 17.93 3.60 5.79
C16 CNC H . 19.24 3.68 3.60
C17 CNC H . 19.27 2.18 3.35
C54 CNC H . 17.90 1.75 2.73
C55 CNC H . 19.56 1.28 4.60
C56 CNC H . 20.85 1.52 5.44
C57 CNC H . 20.74 0.69 6.72
O58 CNC H . 19.88 1.00 7.51
N59 CNC H . 21.33 -0.35 7.25
C18 CNC H . 20.41 2.03 2.32
C60 CNC H . 20.37 0.79 1.43
C61 CNC H . 21.74 0.14 1.14
O63 CNC H . 22.69 0.16 1.95
N62 CNC H . 21.86 -0.49 -0.08
C19 CNC H . 20.55 3.47 1.83
C1P CNC H . 22.66 -0.77 7.46
C2P CNC H . 22.86 -0.24 8.91
C3P CNC H . 22.70 -1.14 10.13
O3 CNC H . 24.18 0.13 8.80
O4 CNC H . 24.29 2.18 10.23
O5 CNC H . 25.84 1.66 8.07
P CNC H . 24.59 1.66 8.90
O2 CNC H . 23.50 2.50 8.02
C3R CNC H . 23.54 3.93 7.99
C2R CNC H . 23.93 4.55 6.64
O7R CNC H . 23.34 3.74 5.57
C1R CNC H . 23.29 5.95 6.79
O6R CNC H . 22.10 5.78 7.60
C4R CNC H . 22.12 4.44 8.13
C5R CNC H . 21.57 4.34 9.56
O8R CNC H . 21.95 5.55 10.20
N1B CNC H . 22.90 6.42 5.46
C8B CNC H . 23.71 7.07 4.59
C2B CNC H . 21.73 6.14 4.86
N3B CNC H . 21.70 6.64 3.62
C9B CNC H . 22.90 7.25 3.38
C4B CNC H . 23.45 7.90 2.30
C5B CNC H . 24.76 8.45 2.36
C5M CNC H . 25.32 9.13 1.14
C6B CNC H . 25.55 8.27 3.61
C6M CNC H . 26.96 8.81 3.72
C7B CNC H . 24.97 7.60 4.68
N1A CNC H . 17.52 5.91 0.55
C1A CNC H . 18.58 5.90 1.15
H201 CNC H . 22.48 4.21 2.97
H202 CNC H . 23.52 4.57 1.83
H203 CNC H . 23.10 3.03 2.11
H251 CNC H . 22.99 1.88 -0.23
H252 CNC H . 24.09 3.02 0.00
H253 CNC H . 23.62 2.67 -1.47
H261 CNC H . 20.14 3.79 -1.14
H262 CNC H . 20.77 2.35 -1.05
H291 CNC H . 22.12 1.53 -2.77
H292 CNC H . 22.03 2.14 -4.19
H3 CNC H . 22.44 5.18 -1.90
H301 CNC H . 24.57 5.26 -0.04
H302 CNC H . 24.10 6.65 -0.65
H311 CNC H . 24.41 5.84 -2.86
H312 CNC H . 24.82 4.42 -2.28
H331 CNC H . 26.93 4.24 -3.03
H332 CNC H . 28.04 5.29 -2.75
H351 CNC H . 22.42 8.32 -2.18
H352 CNC H . 20.89 8.10 -2.64
H353 CNC H . 21.87 6.90 -2.73
H361 CNC H . 20.59 10.26 -2.16
H362 CNC H . 21.71 10.44 -1.01
H363 CNC H . 20.43 11.44 -1.11
H371 CNC H . 18.07 8.65 -0.35
H372 CNC H . 18.84 8.56 -1.72
H401 CNC H . 17.93 9.69 -3.30
H402 CNC H . 17.09 10.97 -3.14
H8 CNC H . 18.90 10.72 1.14
H411 CNC H . 21.24 11.68 0.98
H412 CNC H . 21.66 10.41 1.84
H421 CNC H . 21.51 12.36 3.07
H422 CNC H . 20.55 11.23 3.64
H451 CNC H . 18.96 12.38 4.64
H452 CNC H . 18.09 13.46 3.97
H10 CNC H . 18.30 9.78 3.26
H461 CNC H . 16.96 9.85 5.05
H462 CNC H . 18.11 9.31 6.04
H463 CNC H . 16.54 9.04 6.34
H471 CNC H . 15.91 6.71 3.67
H472 CNC H . 15.70 8.30 3.61
H473 CNC H . 15.23 7.49 4.91
H13 CNC H . 16.86 6.11 5.91
H481 CNC H . 19.38 7.26 6.53
H482 CNC H . 19.11 5.80 7.03
H491 CNC H . 17.17 7.68 7.86
H492 CNC H . 18.63 8.07 8.35
H521 CNC H . 18.33 4.68 8.61
H522 CNC H . 17.77 4.70 10.03
H531 CNC H . 18.65 3.28 6.39
H532 CNC H . 17.38 2.86 5.47
H533 CNC H . 17.32 4.16 6.34
H541 CNC H . 17.21 1.80 3.44
H542 CNC H . 17.88 0.82 2.38
H543 CNC H . 17.64 2.38 2.01
H551 CNC H . 19.69 0.37 4.22
H552 CNC H . 18.76 1.17 5.16
H561 CNC H . 20.95 2.48 5.65
H562 CNC H . 21.65 1.21 4.93
H59 CNC H . 20.89 -0.72 7.94
H18 CNC H . 21.23 1.90 2.86
H601 CNC H . 19.90 1.00 0.57
H602 CNC H . 19.86 0.06 1.85
H621 CNC H . 21.17 -0.51 -0.66
H622 CNC H . 22.63 -0.90 -0.30
H1P1 CNC H . 23.27 -0.36 6.80
H1P2 CNC H . 22.73 -1.75 7.43
H2P CNC H . 22.30 0.54 9.11
H3P1 CNC H . 22.78 -0.61 10.95
H3P2 CNC H . 23.42 -1.84 10.11
H3P3 CNC H . 21.82 -1.58 10.10
H3R CNC H . 24.10 4.32 8.70
H2R CNC H . 24.91 4.61 6.56
H1R CNC H . 23.92 6.58 7.21
H4R CNC H . 21.54 3.87 7.56
H5R1 CNC H . 21.96 3.57 10.03
H5R2 CNC H . 20.59 4.25 9.55
H2B CNC H . 21.01 5.65 5.29
H4B CNC H . 22.93 8.02 1.49
HM51 CNC H . 25.15 10.09 1.20
HM52 CNC H . 24.83 8.76 0.35
HM53 CNC H . 26.28 8.95 1.02
HM61 CNC H . 26.93 9.79 3.92
HM62 CNC H . 27.47 8.66 2.89
HM63 CNC H . 27.42 8.35 4.46
H7B CNC H . 25.48 7.46 5.50
CA CA I . 14.92 18.47 -21.70
#